data_1EHI
#
_entry.id   1EHI
#
_cell.length_a   118.200
_cell.length_b   90.800
_cell.length_c   82.100
_cell.angle_alpha   90.00
_cell.angle_beta   92.10
_cell.angle_gamma   90.00
#
_symmetry.space_group_name_H-M   'C 1 2 1'
#
loop_
_entity.id
_entity.type
_entity.pdbx_description
1 polymer 'D-ALANINE:D-LACTATE LIGASE'
2 non-polymer 'MAGNESIUM ION'
3 non-polymer "ADENOSINE-5'-DIPHOSPHATE"
4 non-polymer '1(S)-AMINOETHYL-(2-CARBOXYPROPYL)PHOSPHORYL-PHOSPHINIC ACID'
5 water water
#
_entity_poly.entity_id   1
_entity_poly.type   'polypeptide(L)'
_entity_poly.pdbx_seq_one_letter_code
;MTKKRVALIFGGNSSEHDVSKRSAQNFYNAIEATGKYEIIVFAIAQNGFFLDTESSKKILALEDEQPIVDAFMKTVDASD
PLARIHALKSAGDFDIFFPVVHGNLGEDGTLQGLFKLLDKPYVGAPLRGHAVSFDKALTKELLTVNGIRNTKYIVVDPES
ANNWSWDKIVAELGNIVFVKAANQGSSVGISRVTNAEEYTEALSDSFQYDYKVLIEEAVNGARELEVGVIGNDQPLVSEI
GAHTVPNQGSGDGWYDYNNKFVDNSAVHFQIPAQLSPEVTKEVKQMALDAYKVLNLRGEARMDFLLDENNVPYLGEPNTL
PGFTNMSLFKRLWDYSDINNAKLVDMLIDYGFEDFAQNKKLSYSFVSLGEEKIGKFN
;
_entity_poly.pdbx_strand_id   A,B
#
# COMPACT_ATOMS: atom_id res chain seq x y z
N LYS A 3 -31.25 -4.98 -7.11
CA LYS A 3 -30.79 -5.76 -8.29
C LYS A 3 -29.26 -5.95 -8.30
N LYS A 4 -28.51 -4.89 -8.01
CA LYS A 4 -27.04 -4.94 -7.98
C LYS A 4 -26.47 -5.93 -6.97
N ARG A 5 -25.48 -6.69 -7.41
CA ARG A 5 -24.84 -7.72 -6.57
C ARG A 5 -23.65 -7.15 -5.78
N VAL A 6 -23.56 -7.49 -4.50
CA VAL A 6 -22.48 -7.03 -3.62
C VAL A 6 -21.67 -8.22 -3.09
N ALA A 7 -20.38 -8.23 -3.40
CA ALA A 7 -19.49 -9.30 -2.95
C ALA A 7 -18.89 -8.97 -1.59
N LEU A 8 -19.55 -9.47 -0.54
CA LEU A 8 -19.14 -9.26 0.83
C LEU A 8 -18.05 -10.27 1.18
N ILE A 9 -16.80 -9.81 1.25
CA ILE A 9 -15.70 -10.71 1.57
C ILE A 9 -15.24 -10.54 3.02
N PHE A 10 -14.97 -11.66 3.70
CA PHE A 10 -14.52 -11.63 5.09
C PHE A 10 -13.55 -12.77 5.44
N GLY A 11 -12.97 -12.71 6.64
CA GLY A 11 -12.04 -13.72 7.09
C GLY A 11 -10.57 -13.40 6.89
N GLY A 12 -9.93 -14.13 5.98
CA GLY A 12 -8.52 -13.93 5.67
C GLY A 12 -7.54 -14.52 6.67
N ASN A 13 -6.31 -14.83 6.21
CA ASN A 13 -5.27 -15.35 7.11
C ASN A 13 -4.73 -14.17 7.87
N SER A 14 -5.40 -13.86 8.98
CA SER A 14 -5.04 -12.70 9.79
C SER A 14 -5.30 -12.92 11.28
N SER A 15 -4.61 -12.12 12.08
CA SER A 15 -4.74 -12.17 13.54
C SER A 15 -6.12 -11.66 14.00
N GLU A 16 -6.82 -10.95 13.11
CA GLU A 16 -8.13 -10.39 13.40
C GLU A 16 -9.22 -11.15 12.67
N HIS A 17 -8.90 -12.39 12.30
CA HIS A 17 -9.81 -13.27 11.56
C HIS A 17 -11.18 -13.47 12.21
N ASP A 18 -11.21 -13.67 13.53
CA ASP A 18 -12.47 -13.87 14.24
C ASP A 18 -13.32 -12.63 14.43
N VAL A 19 -12.67 -11.46 14.52
CA VAL A 19 -13.34 -10.17 14.67
C VAL A 19 -14.14 -9.93 13.38
N SER A 20 -13.52 -10.24 12.24
CA SER A 20 -14.11 -10.10 10.89
C SER A 20 -15.50 -10.73 10.82
N LYS A 21 -15.65 -11.88 11.47
CA LYS A 21 -16.91 -12.62 11.50
C LYS A 21 -18.02 -11.74 12.06
N ARG A 22 -17.75 -11.14 13.22
CA ARG A 22 -18.70 -10.26 13.89
C ARG A 22 -19.06 -9.06 13.00
N SER A 23 -18.05 -8.33 12.55
CA SER A 23 -18.26 -7.17 11.68
C SER A 23 -19.07 -7.55 10.42
N ALA A 24 -18.72 -8.71 9.84
CA ALA A 24 -19.36 -9.22 8.62
C ALA A 24 -20.86 -9.45 8.69
N GLN A 25 -21.31 -10.12 9.73
CA GLN A 25 -22.74 -10.38 9.89
C GLN A 25 -23.53 -9.07 9.96
N ASN A 26 -22.97 -8.10 10.69
CA ASN A 26 -23.59 -6.77 10.86
C ASN A 26 -23.70 -5.99 9.55
N PHE A 27 -22.62 -5.98 8.78
CA PHE A 27 -22.62 -5.31 7.49
C PHE A 27 -23.64 -6.01 6.60
N TYR A 28 -23.73 -7.34 6.72
CA TYR A 28 -24.68 -8.11 5.92
C TYR A 28 -26.10 -7.64 6.19
N ASN A 29 -26.47 -7.61 7.46
CA ASN A 29 -27.81 -7.18 7.86
C ASN A 29 -28.12 -5.75 7.43
N ALA A 30 -27.12 -4.87 7.51
CA ALA A 30 -27.27 -3.47 7.13
C ALA A 30 -27.58 -3.32 5.64
N ILE A 31 -26.81 -4.02 4.81
CA ILE A 31 -27.02 -3.98 3.35
C ILE A 31 -28.36 -4.61 3.01
N GLU A 32 -28.70 -5.70 3.69
CA GLU A 32 -29.96 -6.41 3.47
C GLU A 32 -31.13 -5.48 3.75
N ALA A 33 -30.99 -4.68 4.80
CA ALA A 33 -32.02 -3.72 5.22
C ALA A 33 -32.36 -2.64 4.19
N THR A 34 -31.39 -2.23 3.37
CA THR A 34 -31.62 -1.21 2.35
C THR A 34 -32.63 -1.68 1.30
N GLY A 35 -32.63 -2.99 1.06
CA GLY A 35 -33.53 -3.60 0.10
C GLY A 35 -33.25 -3.29 -1.36
N LYS A 36 -32.01 -2.89 -1.68
CA LYS A 36 -31.70 -2.58 -3.07
C LYS A 36 -30.51 -3.34 -3.64
N TYR A 37 -29.99 -4.30 -2.87
CA TYR A 37 -28.84 -5.08 -3.31
C TYR A 37 -29.00 -6.57 -3.03
N GLU A 38 -28.32 -7.39 -3.83
CA GLU A 38 -28.32 -8.83 -3.62
C GLU A 38 -26.92 -9.08 -3.06
N ILE A 39 -26.79 -10.01 -2.13
CA ILE A 39 -25.49 -10.26 -1.52
C ILE A 39 -24.93 -11.66 -1.67
N ILE A 40 -23.67 -11.75 -2.04
CA ILE A 40 -23.00 -13.04 -2.16
C ILE A 40 -21.83 -12.96 -1.20
N VAL A 41 -21.83 -13.88 -0.23
CA VAL A 41 -20.78 -13.93 0.78
C VAL A 41 -19.58 -14.78 0.36
N PHE A 42 -18.39 -14.31 0.72
CA PHE A 42 -17.14 -15.01 0.40
C PHE A 42 -16.22 -15.00 1.61
N ALA A 43 -15.88 -16.19 2.09
CA ALA A 43 -14.98 -16.32 3.22
C ALA A 43 -13.58 -16.69 2.74
N ILE A 44 -12.56 -16.23 3.45
CA ILE A 44 -11.18 -16.57 3.10
C ILE A 44 -10.64 -17.28 4.33
N ALA A 45 -10.33 -18.58 4.22
CA ALA A 45 -9.83 -19.34 5.36
C ALA A 45 -8.45 -18.89 5.82
N GLN A 46 -7.97 -19.47 6.92
CA GLN A 46 -6.66 -19.14 7.47
C GLN A 46 -5.49 -19.56 6.58
N ASN A 47 -5.78 -20.36 5.56
CA ASN A 47 -4.75 -20.81 4.63
C ASN A 47 -4.68 -19.88 3.43
N GLY A 48 -5.53 -18.86 3.43
CA GLY A 48 -5.56 -17.87 2.36
C GLY A 48 -6.41 -18.25 1.16
N PHE A 49 -7.22 -19.29 1.32
CA PHE A 49 -8.10 -19.76 0.25
C PHE A 49 -9.51 -19.21 0.36
N PHE A 50 -10.02 -18.67 -0.74
CA PHE A 50 -11.40 -18.19 -0.77
C PHE A 50 -12.23 -19.47 -0.77
N LEU A 51 -13.40 -19.43 -0.15
CA LEU A 51 -14.28 -20.60 -0.12
C LEU A 51 -15.52 -20.26 -0.94
N ASP A 52 -16.18 -21.29 -1.47
CA ASP A 52 -17.37 -21.11 -2.28
C ASP A 52 -18.48 -20.43 -1.47
N THR A 53 -19.41 -19.80 -2.18
CA THR A 53 -20.51 -19.08 -1.55
C THR A 53 -21.33 -19.87 -0.53
N GLU A 54 -21.35 -21.20 -0.66
CA GLU A 54 -22.11 -22.04 0.26
C GLU A 54 -21.36 -22.33 1.57
N SER A 55 -20.12 -22.80 1.46
CA SER A 55 -19.31 -23.08 2.64
C SER A 55 -19.16 -21.82 3.48
N SER A 56 -19.15 -20.67 2.81
CA SER A 56 -19.00 -19.37 3.47
C SER A 56 -20.25 -18.90 4.24
N LYS A 57 -21.45 -19.09 3.67
CA LYS A 57 -22.68 -18.70 4.36
C LYS A 57 -22.77 -19.43 5.71
N LYS A 58 -22.24 -20.65 5.74
CA LYS A 58 -22.23 -21.47 6.94
C LYS A 58 -21.26 -20.91 7.97
N ILE A 59 -20.09 -20.50 7.50
CA ILE A 59 -19.05 -19.92 8.36
C ILE A 59 -19.58 -18.63 8.99
N LEU A 60 -20.33 -17.85 8.21
CA LEU A 60 -20.91 -16.60 8.71
C LEU A 60 -21.92 -16.92 9.82
N ALA A 61 -22.75 -17.95 9.60
CA ALA A 61 -23.75 -18.39 10.56
C ALA A 61 -23.12 -18.94 11.84
N LEU A 62 -21.82 -18.72 12.00
CA LEU A 62 -21.03 -19.15 13.16
C LEU A 62 -20.71 -20.64 13.34
N GLU A 63 -20.95 -21.45 12.31
CA GLU A 63 -20.64 -22.89 12.38
C GLU A 63 -19.14 -23.11 12.44
N ASP A 64 -18.73 -24.28 12.94
CA ASP A 64 -17.31 -24.61 13.06
C ASP A 64 -16.60 -24.41 11.73
N GLU A 65 -15.43 -23.78 11.78
CA GLU A 65 -14.67 -23.47 10.58
C GLU A 65 -13.92 -24.66 9.96
N GLN A 66 -12.92 -25.18 10.68
CA GLN A 66 -12.10 -26.29 10.21
C GLN A 66 -12.79 -27.40 9.44
N PRO A 67 -13.87 -28.00 10.00
CA PRO A 67 -14.57 -29.07 9.30
C PRO A 67 -15.05 -28.65 7.90
N ILE A 68 -15.62 -27.45 7.82
CA ILE A 68 -16.14 -26.90 6.56
C ILE A 68 -15.01 -26.56 5.58
N VAL A 69 -13.84 -26.22 6.12
CA VAL A 69 -12.67 -25.87 5.32
C VAL A 69 -12.05 -27.14 4.75
N ASP A 70 -11.73 -28.10 5.63
CA ASP A 70 -11.14 -29.39 5.23
C ASP A 70 -11.92 -30.02 4.10
N ALA A 71 -13.25 -29.97 4.22
CA ALA A 71 -14.16 -30.52 3.22
C ALA A 71 -13.88 -29.85 1.89
N PHE A 72 -13.82 -28.53 1.91
CA PHE A 72 -13.56 -27.73 0.73
C PHE A 72 -12.18 -28.01 0.12
N MET A 73 -11.18 -28.16 0.98
CA MET A 73 -9.80 -28.40 0.53
C MET A 73 -9.55 -29.71 -0.21
N LYS A 74 -10.51 -30.61 -0.19
CA LYS A 74 -10.39 -31.88 -0.89
C LYS A 74 -10.89 -31.74 -2.34
N THR A 75 -11.50 -30.60 -2.64
CA THR A 75 -12.00 -30.34 -3.99
C THR A 75 -11.08 -29.38 -4.76
N VAL A 76 -9.95 -29.02 -4.14
CA VAL A 76 -9.01 -28.09 -4.77
C VAL A 76 -8.01 -28.74 -5.69
N ASP A 77 -7.81 -28.11 -6.85
CA ASP A 77 -6.87 -28.56 -7.86
C ASP A 77 -5.51 -27.96 -7.50
N ALA A 78 -4.68 -28.74 -6.82
CA ALA A 78 -3.37 -28.27 -6.38
C ALA A 78 -2.34 -27.94 -7.48
N SER A 79 -2.72 -28.12 -8.73
CA SER A 79 -1.82 -27.83 -9.84
C SER A 79 -2.11 -26.42 -10.41
N ASP A 80 -3.33 -25.95 -10.15
CA ASP A 80 -3.81 -24.63 -10.58
C ASP A 80 -3.14 -23.51 -9.76
N PRO A 81 -2.42 -22.59 -10.42
CA PRO A 81 -1.77 -21.50 -9.68
C PRO A 81 -2.78 -20.44 -9.17
N LEU A 82 -3.95 -20.38 -9.79
CA LEU A 82 -5.02 -19.45 -9.41
C LEU A 82 -6.09 -20.14 -8.56
N ALA A 83 -5.68 -21.15 -7.79
CA ALA A 83 -6.61 -21.90 -6.95
C ALA A 83 -7.13 -21.13 -5.73
N ARG A 84 -6.28 -20.29 -5.13
CA ARG A 84 -6.63 -19.51 -3.93
C ARG A 84 -7.81 -18.55 -4.14
N ILE A 85 -7.95 -18.07 -5.37
CA ILE A 85 -9.00 -17.11 -5.72
C ILE A 85 -10.06 -17.67 -6.66
N HIS A 86 -9.97 -18.97 -6.96
CA HIS A 86 -10.90 -19.61 -7.88
C HIS A 86 -12.35 -19.54 -7.42
N ALA A 87 -12.56 -19.68 -6.10
CA ALA A 87 -13.91 -19.64 -5.55
C ALA A 87 -14.67 -18.36 -5.87
N LEU A 88 -13.94 -17.27 -6.13
CA LEU A 88 -14.53 -15.98 -6.45
C LEU A 88 -15.51 -16.03 -7.64
N LYS A 89 -15.37 -17.05 -8.48
CA LYS A 89 -16.25 -17.19 -9.64
C LYS A 89 -17.37 -18.22 -9.41
N SER A 90 -17.31 -18.90 -8.28
CA SER A 90 -18.27 -19.96 -7.93
C SER A 90 -19.73 -19.57 -7.73
N ALA A 91 -20.15 -18.41 -8.21
CA ALA A 91 -21.53 -17.96 -8.06
C ALA A 91 -21.94 -16.99 -9.15
N GLY A 92 -21.08 -16.81 -10.14
CA GLY A 92 -21.36 -15.90 -11.23
C GLY A 92 -20.64 -14.57 -11.12
N ASP A 93 -21.21 -13.57 -11.79
CA ASP A 93 -20.66 -12.23 -11.82
C ASP A 93 -21.36 -11.34 -10.79
N PHE A 94 -20.62 -10.37 -10.25
CA PHE A 94 -21.16 -9.42 -9.28
C PHE A 94 -20.81 -7.99 -9.70
N ASP A 95 -21.41 -7.01 -9.05
CA ASP A 95 -21.16 -5.60 -9.41
C ASP A 95 -20.12 -4.83 -8.58
N ILE A 96 -20.08 -5.05 -7.27
CA ILE A 96 -19.13 -4.34 -6.43
C ILE A 96 -18.58 -5.16 -5.26
N PHE A 97 -17.40 -4.77 -4.79
CA PHE A 97 -16.76 -5.44 -3.67
C PHE A 97 -17.00 -4.68 -2.38
N PHE A 98 -17.22 -5.41 -1.29
CA PHE A 98 -17.42 -4.84 0.03
C PHE A 98 -16.50 -5.65 0.95
N PRO A 99 -15.25 -5.21 1.08
CA PRO A 99 -14.25 -5.90 1.91
C PRO A 99 -14.42 -5.71 3.41
N VAL A 100 -14.58 -6.82 4.12
CA VAL A 100 -14.74 -6.79 5.55
C VAL A 100 -13.75 -7.75 6.21
N VAL A 101 -12.59 -7.92 5.58
CA VAL A 101 -11.55 -8.78 6.17
C VAL A 101 -10.52 -7.85 6.83
N HIS A 102 -10.44 -7.92 8.16
CA HIS A 102 -9.52 -7.08 8.95
C HIS A 102 -8.10 -7.64 8.98
N GLY A 103 -7.12 -6.73 8.96
CA GLY A 103 -5.72 -7.12 9.03
C GLY A 103 -4.89 -7.34 7.78
N ASN A 104 -4.23 -8.50 7.75
CA ASN A 104 -3.33 -8.93 6.68
C ASN A 104 -3.71 -8.88 5.21
N LEU A 105 -4.99 -8.97 4.85
CA LEU A 105 -5.29 -8.91 3.42
C LEU A 105 -6.08 -7.71 2.94
N GLY A 106 -7.03 -7.27 3.76
CA GLY A 106 -7.87 -6.15 3.40
C GLY A 106 -7.34 -4.76 3.70
N GLU A 107 -6.60 -4.61 4.80
CA GLU A 107 -6.07 -3.30 5.19
C GLU A 107 -4.64 -3.00 4.77
N ASP A 108 -3.98 -3.95 4.11
CA ASP A 108 -2.61 -3.73 3.66
C ASP A 108 -2.48 -3.43 2.16
N GLY A 109 -3.62 -3.43 1.47
CA GLY A 109 -3.65 -3.16 0.04
C GLY A 109 -3.77 -4.37 -0.87
N THR A 110 -3.42 -5.56 -0.37
CA THR A 110 -3.46 -6.81 -1.14
C THR A 110 -4.75 -7.07 -1.93
N LEU A 111 -5.89 -7.14 -1.23
CA LEU A 111 -7.19 -7.37 -1.90
C LEU A 111 -7.54 -6.28 -2.89
N GLN A 112 -7.14 -5.05 -2.58
CA GLN A 112 -7.40 -3.90 -3.45
C GLN A 112 -6.58 -3.98 -4.74
N GLY A 113 -5.50 -4.77 -4.70
CA GLY A 113 -4.69 -4.97 -5.88
C GLY A 113 -5.48 -5.87 -6.83
N LEU A 114 -6.07 -6.94 -6.29
CA LEU A 114 -6.89 -7.86 -7.09
C LEU A 114 -8.14 -7.16 -7.64
N PHE A 115 -8.77 -6.30 -6.84
CA PHE A 115 -9.98 -5.59 -7.27
C PHE A 115 -9.68 -4.74 -8.51
N LYS A 116 -8.49 -4.17 -8.55
CA LYS A 116 -8.10 -3.34 -9.69
C LYS A 116 -7.89 -4.18 -10.95
N LEU A 117 -7.36 -5.39 -10.79
CA LEU A 117 -7.11 -6.30 -11.92
C LEU A 117 -8.39 -6.84 -12.58
N LEU A 118 -9.39 -7.15 -11.77
CA LEU A 118 -10.67 -7.65 -12.26
C LEU A 118 -11.53 -6.47 -12.74
N ASP A 119 -10.99 -5.26 -12.58
CA ASP A 119 -11.64 -4.01 -12.94
C ASP A 119 -13.08 -3.81 -12.47
N LYS A 120 -13.28 -3.99 -11.17
CA LYS A 120 -14.59 -3.82 -10.58
C LYS A 120 -14.51 -2.76 -9.48
N PRO A 121 -15.62 -2.05 -9.24
CA PRO A 121 -15.64 -1.02 -8.19
C PRO A 121 -15.52 -1.68 -6.83
N TYR A 122 -15.24 -0.87 -5.81
CA TYR A 122 -15.10 -1.40 -4.46
C TYR A 122 -15.26 -0.31 -3.41
N VAL A 123 -15.74 -0.73 -2.24
CA VAL A 123 -15.96 0.14 -1.09
C VAL A 123 -14.66 0.23 -0.29
N GLY A 124 -14.35 1.44 0.18
CA GLY A 124 -13.15 1.63 0.99
C GLY A 124 -12.02 2.36 0.28
N ALA A 125 -10.94 2.59 1.03
CA ALA A 125 -9.79 3.29 0.48
C ALA A 125 -9.04 2.53 -0.61
N PRO A 126 -8.30 3.25 -1.47
CA PRO A 126 -7.52 2.66 -2.56
C PRO A 126 -6.29 1.96 -2.01
N LEU A 127 -5.62 1.18 -2.85
CA LEU A 127 -4.43 0.44 -2.47
C LEU A 127 -3.40 1.23 -1.66
N ARG A 128 -2.98 2.39 -2.16
CA ARG A 128 -1.97 3.18 -1.47
C ARG A 128 -2.40 3.65 -0.10
N GLY A 129 -3.69 3.97 0.05
CA GLY A 129 -4.22 4.39 1.34
C GLY A 129 -3.97 3.31 2.39
N HIS A 130 -4.53 2.12 2.18
CA HIS A 130 -4.35 1.00 3.12
C HIS A 130 -2.87 0.70 3.37
N ALA A 131 -2.09 0.69 2.30
CA ALA A 131 -0.67 0.39 2.37
C ALA A 131 0.05 1.30 3.36
N VAL A 132 -0.17 2.59 3.18
CA VAL A 132 0.42 3.65 3.99
C VAL A 132 -0.17 3.72 5.39
N SER A 133 -1.46 3.41 5.51
CA SER A 133 -2.16 3.44 6.79
C SER A 133 -1.93 2.25 7.71
N PHE A 134 -1.51 1.12 7.15
CA PHE A 134 -1.27 -0.10 7.92
C PHE A 134 0.15 -0.14 8.51
N ASP A 135 1.10 0.45 7.80
CA ASP A 135 2.47 0.49 8.29
C ASP A 135 2.49 1.62 9.31
N LYS A 136 2.58 1.26 10.58
CA LYS A 136 2.61 2.20 11.70
C LYS A 136 3.67 3.28 11.53
N ALA A 137 4.82 2.89 11.00
CA ALA A 137 5.95 3.79 10.79
C ALA A 137 5.77 4.75 9.64
N LEU A 138 5.19 4.28 8.56
CA LEU A 138 4.95 5.11 7.38
C LEU A 138 3.87 6.15 7.74
N THR A 139 2.89 5.73 8.52
CA THR A 139 1.79 6.58 8.96
C THR A 139 2.31 7.77 9.77
N LYS A 140 3.05 7.47 10.82
CA LYS A 140 3.60 8.49 11.69
C LYS A 140 4.58 9.40 10.98
N GLU A 141 5.16 8.92 9.88
CA GLU A 141 6.10 9.73 9.11
C GLU A 141 5.33 10.79 8.32
N LEU A 142 4.22 10.39 7.71
CA LEU A 142 3.38 11.30 6.93
C LEU A 142 2.68 12.33 7.84
N LEU A 143 2.37 11.93 9.07
CA LEU A 143 1.72 12.83 10.02
C LEU A 143 2.71 13.87 10.49
N THR A 144 3.91 13.43 10.86
CA THR A 144 4.92 14.37 11.35
C THR A 144 5.30 15.45 10.34
N VAL A 145 5.50 15.08 9.07
CA VAL A 145 5.88 16.06 8.05
C VAL A 145 4.74 17.03 7.73
N ASN A 146 3.54 16.73 8.22
CA ASN A 146 2.37 17.57 7.98
C ASN A 146 1.91 18.32 9.23
N GLY A 147 2.68 18.19 10.30
CA GLY A 147 2.34 18.87 11.53
C GLY A 147 1.18 18.29 12.31
N ILE A 148 0.89 17.00 12.12
CA ILE A 148 -0.20 16.37 12.85
C ILE A 148 0.45 15.74 14.09
N ARG A 149 -0.02 16.11 15.28
CA ARG A 149 0.56 15.63 16.52
C ARG A 149 0.42 14.13 16.76
N ASN A 150 1.55 13.51 17.06
CA ASN A 150 1.63 12.08 17.35
C ASN A 150 2.81 11.84 18.30
N THR A 151 2.74 10.78 19.09
CA THR A 151 3.78 10.44 20.07
C THR A 151 5.21 10.40 19.53
N LYS A 152 6.15 10.62 20.45
CA LYS A 152 7.57 10.57 20.15
C LYS A 152 7.88 9.08 20.03
N TYR A 153 8.71 8.71 19.06
CA TYR A 153 9.04 7.29 18.86
C TYR A 153 10.31 7.06 18.06
N ILE A 154 10.76 5.81 18.05
CA ILE A 154 11.92 5.41 17.28
C ILE A 154 11.53 4.11 16.59
N VAL A 155 11.99 3.92 15.37
CA VAL A 155 11.69 2.70 14.64
C VAL A 155 12.95 1.87 14.42
N VAL A 156 12.86 0.58 14.75
CA VAL A 156 13.99 -0.31 14.63
C VAL A 156 13.71 -1.65 13.97
N ASP A 157 14.78 -2.36 13.64
CA ASP A 157 14.71 -3.69 13.04
C ASP A 157 15.55 -4.62 13.96
N PRO A 158 15.57 -5.94 13.68
CA PRO A 158 16.36 -6.85 14.55
C PRO A 158 17.83 -6.50 14.81
N GLU A 159 18.50 -5.91 13.83
CA GLU A 159 19.90 -5.51 13.98
C GLU A 159 19.99 -4.17 14.74
N SER A 160 19.18 -3.22 14.29
CA SER A 160 19.07 -1.87 14.85
C SER A 160 18.63 -1.87 16.33
N ALA A 161 17.85 -2.88 16.70
CA ALA A 161 17.34 -3.03 18.05
C ALA A 161 18.41 -3.17 19.14
N ASN A 162 19.56 -3.74 18.79
CA ASN A 162 20.64 -3.94 19.75
C ASN A 162 21.43 -2.70 20.12
N ASN A 163 21.12 -1.57 19.49
CA ASN A 163 21.81 -0.33 19.80
C ASN A 163 21.09 0.42 20.92
N TRP A 164 19.80 0.13 21.08
CA TRP A 164 18.99 0.78 22.08
C TRP A 164 18.81 0.00 23.35
N SER A 165 19.79 0.10 24.24
CA SER A 165 19.74 -0.54 25.57
C SER A 165 18.67 0.19 26.39
N TRP A 166 18.12 -0.47 27.40
CA TRP A 166 17.06 0.12 28.23
C TRP A 166 17.38 1.53 28.73
N ASP A 167 18.59 1.73 29.23
CA ASP A 167 19.00 3.04 29.72
C ASP A 167 18.87 4.12 28.64
N LYS A 168 19.20 3.76 27.40
CA LYS A 168 19.12 4.67 26.25
C LYS A 168 17.69 5.00 25.88
N ILE A 169 16.79 4.04 26.09
CA ILE A 169 15.38 4.20 25.79
C ILE A 169 14.74 5.12 26.83
N VAL A 170 14.99 4.83 28.10
CA VAL A 170 14.45 5.64 29.20
C VAL A 170 14.86 7.11 29.09
N ALA A 171 16.09 7.36 28.66
CA ALA A 171 16.61 8.72 28.49
C ALA A 171 16.00 9.41 27.27
N GLU A 172 15.44 8.61 26.36
CA GLU A 172 14.87 9.13 25.13
C GLU A 172 13.35 9.22 25.08
N LEU A 173 12.65 8.39 25.85
CA LEU A 173 11.19 8.38 25.83
C LEU A 173 10.52 8.22 27.21
N GLY A 174 11.30 8.01 28.27
CA GLY A 174 10.72 7.85 29.60
C GLY A 174 10.58 6.39 30.03
N ASN A 175 10.33 6.14 31.32
CA ASN A 175 10.22 4.76 31.81
C ASN A 175 8.97 3.94 31.50
N ILE A 176 8.08 4.49 30.70
CA ILE A 176 6.89 3.77 30.29
C ILE A 176 6.78 3.96 28.78
N VAL A 177 6.93 2.87 28.06
CA VAL A 177 6.91 2.92 26.61
C VAL A 177 6.05 1.82 26.00
N PHE A 178 5.65 2.01 24.76
CA PHE A 178 4.87 0.99 24.04
C PHE A 178 5.70 0.46 22.88
N VAL A 179 5.80 -0.86 22.80
CA VAL A 179 6.56 -1.52 21.74
C VAL A 179 5.59 -2.26 20.85
N LYS A 180 5.64 -1.99 19.56
CA LYS A 180 4.72 -2.61 18.63
C LYS A 180 5.26 -2.92 17.23
N ALA A 181 4.70 -3.97 16.63
CA ALA A 181 5.05 -4.41 15.29
C ALA A 181 4.40 -3.42 14.33
N ALA A 182 5.16 -2.94 13.36
CA ALA A 182 4.65 -1.94 12.41
C ALA A 182 3.39 -2.28 11.63
N ASN A 183 3.29 -3.51 11.14
CA ASN A 183 2.12 -3.92 10.36
C ASN A 183 1.23 -4.94 11.06
N GLN A 184 0.34 -4.46 11.93
CA GLN A 184 -0.59 -5.31 12.71
C GLN A 184 -1.86 -4.56 13.20
N GLY A 185 -2.72 -5.28 13.93
CA GLY A 185 -3.94 -4.68 14.45
C GLY A 185 -4.52 -5.39 15.67
N SER A 186 -5.62 -4.87 16.21
CA SER A 186 -6.31 -5.43 17.39
C SER A 186 -5.48 -5.58 18.67
N SER A 187 -4.32 -4.92 18.70
CA SER A 187 -3.39 -4.94 19.83
C SER A 187 -2.53 -6.19 19.94
N VAL A 188 -2.39 -6.91 18.84
CA VAL A 188 -1.55 -8.10 18.85
C VAL A 188 -0.17 -7.64 18.43
N GLY A 189 0.86 -8.15 19.11
CA GLY A 189 2.22 -7.75 18.80
C GLY A 189 2.59 -6.46 19.51
N ILE A 190 1.76 -6.04 20.46
CA ILE A 190 1.95 -4.80 21.24
C ILE A 190 2.08 -5.06 22.76
N SER A 191 2.97 -4.32 23.40
CA SER A 191 3.20 -4.45 24.84
C SER A 191 3.46 -3.15 25.57
N ARG A 192 2.96 -3.07 26.81
CA ARG A 192 3.13 -1.92 27.69
C ARG A 192 4.42 -2.25 28.48
N VAL A 193 5.50 -1.50 28.23
CA VAL A 193 6.79 -1.76 28.88
C VAL A 193 7.24 -0.79 30.00
N THR A 194 7.56 -1.33 31.17
CA THR A 194 8.01 -0.52 32.32
C THR A 194 9.41 -0.84 32.88
N ASN A 195 10.00 -1.97 32.49
CA ASN A 195 11.35 -2.32 32.95
C ASN A 195 12.19 -3.04 31.87
N ALA A 196 13.47 -3.29 32.17
CA ALA A 196 14.42 -3.94 31.26
C ALA A 196 14.05 -5.34 30.78
N GLU A 197 13.49 -6.15 31.67
CA GLU A 197 13.08 -7.50 31.30
C GLU A 197 11.83 -7.51 30.42
N GLU A 198 10.91 -6.58 30.67
CA GLU A 198 9.70 -6.47 29.86
C GLU A 198 10.03 -5.88 28.49
N TYR A 199 11.04 -5.00 28.46
CA TYR A 199 11.46 -4.37 27.23
C TYR A 199 11.95 -5.45 26.26
N THR A 200 12.97 -6.21 26.69
CA THR A 200 13.56 -7.26 25.86
C THR A 200 12.61 -8.41 25.52
N GLU A 201 11.66 -8.68 26.41
CA GLU A 201 10.69 -9.73 26.18
C GLU A 201 9.72 -9.27 25.09
N ALA A 202 9.41 -7.98 25.11
CA ALA A 202 8.50 -7.37 24.14
C ALA A 202 9.11 -7.20 22.75
N LEU A 203 10.42 -7.00 22.68
CA LEU A 203 11.10 -6.86 21.38
C LEU A 203 10.97 -8.17 20.62
N SER A 204 11.16 -9.28 21.34
CA SER A 204 11.05 -10.62 20.76
C SER A 204 9.62 -10.90 20.33
N ASP A 205 8.67 -10.56 21.20
CA ASP A 205 7.26 -10.77 20.91
C ASP A 205 6.79 -10.01 19.68
N SER A 206 7.28 -8.78 19.51
CA SER A 206 6.90 -7.97 18.38
C SER A 206 7.53 -8.46 17.08
N PHE A 207 8.82 -8.78 17.15
CA PHE A 207 9.56 -9.24 15.99
C PHE A 207 9.12 -10.57 15.38
N GLN A 208 8.02 -11.13 15.87
CA GLN A 208 7.53 -12.38 15.31
C GLN A 208 6.30 -12.11 14.43
N TYR A 209 6.02 -10.82 14.23
CA TYR A 209 4.90 -10.39 13.40
C TYR A 209 5.34 -9.41 12.31
N ASP A 210 6.59 -8.96 12.38
CA ASP A 210 7.12 -8.00 11.41
C ASP A 210 8.61 -7.78 11.69
N TYR A 211 9.35 -7.38 10.66
CA TYR A 211 10.78 -7.10 10.80
C TYR A 211 11.00 -5.64 11.15
N LYS A 212 9.91 -4.91 11.34
CA LYS A 212 9.95 -3.50 11.70
C LYS A 212 9.06 -3.24 12.91
N VAL A 213 9.65 -2.76 14.00
CA VAL A 213 8.87 -2.45 15.21
C VAL A 213 9.06 -0.98 15.64
N LEU A 214 8.04 -0.45 16.31
CA LEU A 214 8.08 0.92 16.81
C LEU A 214 8.19 0.92 18.31
N ILE A 215 8.89 1.92 18.83
CA ILE A 215 9.04 2.10 20.26
C ILE A 215 8.66 3.56 20.51
N GLU A 216 7.49 3.76 21.10
CA GLU A 216 6.94 5.09 21.35
C GLU A 216 6.60 5.38 22.81
N GLU A 217 6.76 6.63 23.22
CA GLU A 217 6.46 7.02 24.59
C GLU A 217 4.98 6.89 24.93
N ALA A 218 4.69 6.53 26.16
CA ALA A 218 3.31 6.37 26.58
C ALA A 218 2.69 7.69 27.01
N VAL A 219 1.46 7.91 26.58
CA VAL A 219 0.73 9.10 26.97
C VAL A 219 -0.08 8.66 28.20
N ASN A 220 0.16 9.34 29.31
CA ASN A 220 -0.49 9.01 30.58
C ASN A 220 -1.98 9.35 30.71
N GLY A 221 -2.63 9.69 29.60
CA GLY A 221 -4.04 10.03 29.64
C GLY A 221 -4.99 8.88 29.99
N ALA A 222 -5.99 9.21 30.82
CA ALA A 222 -6.98 8.26 31.30
C ALA A 222 -7.96 7.70 30.28
N ARG A 223 -8.03 8.31 29.10
CA ARG A 223 -8.96 7.82 28.09
C ARG A 223 -8.56 8.06 26.64
N GLU A 224 -9.16 7.26 25.76
CA GLU A 224 -8.91 7.31 24.33
C GLU A 224 -10.13 7.79 23.56
N LEU A 225 -9.88 8.37 22.39
CA LEU A 225 -10.93 8.91 21.54
C LEU A 225 -10.98 8.25 20.17
N GLU A 226 -12.18 8.19 19.59
CA GLU A 226 -12.38 7.61 18.27
C GLU A 226 -13.38 8.45 17.48
N VAL A 227 -13.06 8.70 16.22
CA VAL A 227 -13.87 9.51 15.31
C VAL A 227 -13.97 8.84 13.96
N GLY A 228 -15.19 8.77 13.43
CA GLY A 228 -15.37 8.16 12.11
C GLY A 228 -15.39 9.20 11.02
N VAL A 229 -14.84 8.85 9.85
CA VAL A 229 -14.84 9.75 8.71
C VAL A 229 -15.10 8.95 7.43
N ILE A 230 -16.04 9.44 6.63
CA ILE A 230 -16.41 8.75 5.40
C ILE A 230 -16.48 9.74 4.24
N GLY A 231 -16.53 9.22 3.02
CA GLY A 231 -16.62 10.07 1.85
C GLY A 231 -15.36 10.09 1.01
N ASN A 232 -15.40 10.82 -0.10
CA ASN A 232 -14.28 10.89 -1.01
C ASN A 232 -13.61 12.27 -1.03
N ASP A 233 -13.95 13.11 -2.02
CA ASP A 233 -13.36 14.45 -2.15
C ASP A 233 -13.90 15.51 -1.17
N GLN A 234 -15.06 15.22 -0.58
CA GLN A 234 -15.66 16.11 0.41
C GLN A 234 -16.14 15.20 1.55
N PRO A 235 -15.19 14.70 2.37
CA PRO A 235 -15.49 13.81 3.50
C PRO A 235 -16.21 14.42 4.71
N LEU A 236 -17.05 13.61 5.36
CA LEU A 236 -17.79 14.00 6.55
C LEU A 236 -17.12 13.46 7.80
N VAL A 237 -17.27 14.14 8.93
CA VAL A 237 -16.71 13.69 10.20
C VAL A 237 -17.84 13.48 11.19
N SER A 238 -17.79 12.37 11.92
CA SER A 238 -18.81 12.05 12.90
C SER A 238 -18.54 12.72 14.24
N GLU A 239 -19.34 12.37 15.23
CA GLU A 239 -19.16 12.89 16.57
C GLU A 239 -18.01 12.09 17.16
N ILE A 240 -17.32 12.67 18.13
CA ILE A 240 -16.22 11.98 18.79
C ILE A 240 -16.81 11.05 19.84
N GLY A 241 -16.25 9.84 19.92
CA GLY A 241 -16.69 8.87 20.90
C GLY A 241 -15.52 8.64 21.83
N ALA A 242 -15.78 8.15 23.04
CA ALA A 242 -14.70 7.91 23.98
C ALA A 242 -14.90 6.60 24.74
N HIS A 243 -13.80 6.11 25.29
CA HIS A 243 -13.78 4.86 26.06
C HIS A 243 -12.57 4.80 26.99
N THR A 244 -12.76 4.18 28.15
CA THR A 244 -11.69 4.07 29.15
C THR A 244 -11.72 2.73 29.89
N VAL A 245 -10.55 2.10 30.03
CA VAL A 245 -10.43 0.82 30.74
C VAL A 245 -9.97 1.05 32.18
N PRO A 246 -10.35 0.15 33.10
CA PRO A 246 -9.99 0.24 34.52
C PRO A 246 -8.48 0.37 34.74
N ASN A 247 -8.10 1.41 35.49
CA ASN A 247 -6.70 1.70 35.81
C ASN A 247 -5.87 2.12 34.58
N GLN A 248 -6.48 2.90 33.68
CA GLN A 248 -5.79 3.35 32.47
C GLN A 248 -4.79 4.48 32.75
N GLY A 249 -5.28 5.59 33.30
CA GLY A 249 -4.39 6.71 33.61
C GLY A 249 -3.66 6.47 34.93
N SER A 250 -4.45 6.19 35.97
CA SER A 250 -3.94 5.94 37.32
C SER A 250 -3.58 4.46 37.47
N GLY A 251 -2.91 3.91 36.47
CA GLY A 251 -2.52 2.51 36.52
C GLY A 251 -1.91 2.00 35.23
N ASP A 252 -1.79 0.68 35.15
CA ASP A 252 -1.19 -0.02 34.01
C ASP A 252 -2.16 -0.49 32.93
N GLY A 253 -3.46 -0.30 33.16
CA GLY A 253 -4.49 -0.71 32.21
C GLY A 253 -4.47 -0.02 30.86
N TRP A 254 -4.74 -0.80 29.82
CA TRP A 254 -4.76 -0.28 28.44
C TRP A 254 -5.69 -1.14 27.57
N TYR A 255 -6.04 -0.63 26.38
CA TYR A 255 -6.94 -1.33 25.47
C TYR A 255 -6.28 -2.46 24.66
N ASP A 256 -5.95 -3.56 25.35
CA ASP A 256 -5.30 -4.70 24.71
C ASP A 256 -6.32 -5.62 24.03
N TYR A 257 -5.86 -6.77 23.52
CA TYR A 257 -6.73 -7.73 22.83
C TYR A 257 -7.81 -8.31 23.75
N ASN A 258 -7.45 -8.49 25.01
CA ASN A 258 -8.36 -9.04 26.01
C ASN A 258 -9.52 -8.10 26.38
N ASN A 259 -9.25 -6.79 26.43
CA ASN A 259 -10.28 -5.82 26.79
C ASN A 259 -11.24 -5.45 25.64
N LYS A 260 -10.79 -5.60 24.40
CA LYS A 260 -11.59 -5.28 23.22
C LYS A 260 -12.53 -6.41 22.80
N PHE A 261 -11.95 -7.61 22.67
CA PHE A 261 -12.72 -8.76 22.19
C PHE A 261 -12.97 -9.94 23.12
N VAL A 262 -12.09 -10.17 24.10
CA VAL A 262 -12.28 -11.27 25.05
C VAL A 262 -13.34 -10.89 26.07
N ASP A 263 -13.19 -9.71 26.70
CA ASP A 263 -14.16 -9.22 27.68
C ASP A 263 -14.19 -7.70 27.66
N ASN A 264 -15.29 -7.16 27.14
CA ASN A 264 -15.49 -5.73 27.00
C ASN A 264 -16.51 -5.17 28.01
N SER A 265 -17.06 -6.06 28.85
CA SER A 265 -18.07 -5.67 29.83
C SER A 265 -17.55 -4.81 31.00
N ALA A 266 -16.32 -4.33 30.88
CA ALA A 266 -15.72 -3.50 31.93
C ALA A 266 -15.22 -2.13 31.48
N VAL A 267 -15.48 -1.76 30.23
CA VAL A 267 -15.05 -0.47 29.70
C VAL A 267 -16.22 0.53 29.55
N HIS A 268 -15.95 1.80 29.82
CA HIS A 268 -16.96 2.85 29.74
C HIS A 268 -16.88 3.68 28.46
N PHE A 269 -18.01 3.87 27.79
CA PHE A 269 -18.08 4.65 26.54
C PHE A 269 -18.90 5.95 26.67
N GLN A 270 -18.48 6.99 25.96
CA GLN A 270 -19.15 8.29 25.96
C GLN A 270 -19.37 8.81 24.54
N ILE A 271 -20.61 9.20 24.23
CA ILE A 271 -20.93 9.76 22.92
C ILE A 271 -21.97 10.89 23.05
N PRO A 272 -21.57 12.14 22.77
CA PRO A 272 -20.25 12.58 22.34
C PRO A 272 -19.30 12.59 23.55
N ALA A 273 -17.99 12.64 23.30
CA ALA A 273 -17.04 12.68 24.40
C ALA A 273 -17.11 14.03 25.13
N GLN A 274 -16.88 13.98 26.44
CA GLN A 274 -16.89 15.18 27.28
C GLN A 274 -15.58 15.93 27.10
N LEU A 275 -15.57 16.88 26.18
CA LEU A 275 -14.37 17.66 25.93
C LEU A 275 -14.72 19.13 25.85
N SER A 276 -13.70 19.97 25.84
CA SER A 276 -13.90 21.40 25.74
C SER A 276 -14.19 21.70 24.27
N PRO A 277 -14.78 22.86 23.98
CA PRO A 277 -15.07 23.20 22.59
C PRO A 277 -13.81 23.23 21.74
N GLU A 278 -12.70 23.59 22.37
CA GLU A 278 -11.42 23.69 21.69
C GLU A 278 -10.89 22.35 21.18
N VAL A 279 -10.75 21.38 22.10
CA VAL A 279 -10.25 20.05 21.77
C VAL A 279 -11.15 19.39 20.73
N THR A 280 -12.46 19.46 20.93
CA THR A 280 -13.41 18.86 20.00
C THR A 280 -13.14 19.35 18.59
N LYS A 281 -12.88 20.65 18.45
CA LYS A 281 -12.59 21.23 17.14
C LYS A 281 -11.22 20.75 16.64
N GLU A 282 -10.25 20.63 17.56
CA GLU A 282 -8.92 20.20 17.17
C GLU A 282 -8.87 18.77 16.68
N VAL A 283 -9.55 17.85 17.37
CA VAL A 283 -9.51 16.47 16.92
C VAL A 283 -10.27 16.27 15.61
N LYS A 284 -11.38 16.96 15.43
CA LYS A 284 -12.15 16.81 14.19
C LYS A 284 -11.34 17.29 12.99
N GLN A 285 -10.51 18.30 13.18
CA GLN A 285 -9.69 18.81 12.08
C GLN A 285 -8.47 17.91 11.80
N MET A 286 -7.87 17.38 12.86
CA MET A 286 -6.74 16.46 12.74
C MET A 286 -7.18 15.22 11.97
N ALA A 287 -8.37 14.71 12.32
CA ALA A 287 -8.92 13.52 11.67
C ALA A 287 -9.11 13.78 10.18
N LEU A 288 -9.69 14.93 9.87
CA LEU A 288 -9.94 15.34 8.50
C LEU A 288 -8.63 15.48 7.72
N ASP A 289 -7.68 16.20 8.31
CA ASP A 289 -6.38 16.39 7.67
C ASP A 289 -5.68 15.05 7.41
N ALA A 290 -5.65 14.18 8.42
CA ALA A 290 -5.00 12.87 8.29
C ALA A 290 -5.58 11.99 7.18
N TYR A 291 -6.89 12.12 6.98
CA TYR A 291 -7.59 11.36 5.95
C TYR A 291 -6.99 11.68 4.57
N LYS A 292 -6.90 12.96 4.25
CA LYS A 292 -6.36 13.42 2.97
C LYS A 292 -4.91 13.03 2.75
N VAL A 293 -4.08 13.30 3.75
CA VAL A 293 -2.64 12.99 3.74
C VAL A 293 -2.44 11.50 3.48
N LEU A 294 -3.16 10.69 4.23
CA LEU A 294 -3.08 9.25 4.13
C LEU A 294 -3.70 8.66 2.85
N ASN A 295 -4.31 9.51 2.03
CA ASN A 295 -4.91 9.08 0.75
C ASN A 295 -6.10 8.12 0.90
N LEU A 296 -6.92 8.31 1.92
CA LEU A 296 -8.07 7.43 2.14
C LEU A 296 -9.34 7.86 1.43
N ARG A 297 -10.25 6.90 1.23
CA ARG A 297 -11.54 7.16 0.56
C ARG A 297 -12.61 6.23 1.14
N GLY A 298 -13.88 6.59 0.94
CA GLY A 298 -14.99 5.79 1.43
C GLY A 298 -15.26 5.74 2.93
N GLU A 299 -14.37 5.09 3.69
CA GLU A 299 -14.57 4.96 5.15
C GLU A 299 -13.26 4.89 5.92
N ALA A 300 -13.33 5.26 7.19
CA ALA A 300 -12.18 5.21 8.10
C ALA A 300 -12.57 5.64 9.50
N ARG A 301 -11.71 5.31 10.46
CA ARG A 301 -11.90 5.69 11.85
C ARG A 301 -10.54 6.10 12.41
N MET A 302 -10.46 7.32 12.92
CA MET A 302 -9.23 7.87 13.50
C MET A 302 -9.25 7.79 15.04
N ASP A 303 -8.22 7.17 15.60
CA ASP A 303 -8.10 7.01 17.05
C ASP A 303 -7.09 8.00 17.65
N PHE A 304 -7.42 8.55 18.82
CA PHE A 304 -6.56 9.53 19.48
C PHE A 304 -6.22 9.17 20.90
N LEU A 305 -5.08 9.69 21.35
CA LEU A 305 -4.60 9.51 22.70
C LEU A 305 -4.69 10.90 23.31
N LEU A 306 -5.13 10.97 24.56
CA LEU A 306 -5.29 12.24 25.29
C LEU A 306 -4.35 12.31 26.49
N ASP A 307 -3.46 13.31 26.57
CA ASP A 307 -2.57 13.38 27.74
C ASP A 307 -3.25 13.96 28.97
N GLU A 308 -2.52 14.06 30.08
CA GLU A 308 -3.06 14.59 31.33
C GLU A 308 -3.73 15.98 31.21
N ASN A 309 -3.11 16.88 30.44
CA ASN A 309 -3.64 18.23 30.24
C ASN A 309 -4.64 18.29 29.08
N ASN A 310 -5.09 17.14 28.61
CA ASN A 310 -6.04 17.06 27.51
C ASN A 310 -5.55 17.47 26.11
N VAL A 311 -4.28 17.20 25.81
CA VAL A 311 -3.75 17.50 24.49
C VAL A 311 -3.93 16.22 23.67
N PRO A 312 -4.53 16.36 22.47
CA PRO A 312 -4.76 15.19 21.62
C PRO A 312 -3.60 14.77 20.72
N TYR A 313 -3.36 13.46 20.69
CA TYR A 313 -2.32 12.87 19.85
C TYR A 313 -2.99 11.89 18.89
N LEU A 314 -2.76 12.04 17.57
CA LEU A 314 -3.34 11.12 16.59
C LEU A 314 -2.64 9.78 16.84
N GLY A 315 -3.38 8.82 17.37
CA GLY A 315 -2.81 7.52 17.66
C GLY A 315 -2.60 6.72 16.41
N GLU A 316 -3.69 6.37 15.74
CA GLU A 316 -3.60 5.55 14.56
C GLU A 316 -4.89 5.55 13.73
N PRO A 317 -4.76 5.37 12.40
CA PRO A 317 -5.91 5.32 11.50
C PRO A 317 -6.32 3.85 11.28
N ASN A 318 -7.59 3.62 10.95
CA ASN A 318 -8.11 2.27 10.68
C ASN A 318 -9.00 2.33 9.46
N THR A 319 -8.43 1.90 8.32
CA THR A 319 -9.08 1.90 7.00
C THR A 319 -10.31 1.02 6.79
N LEU A 320 -10.41 -0.07 7.53
CA LEU A 320 -11.57 -0.96 7.47
C LEU A 320 -11.92 -1.20 8.94
N PRO A 321 -12.42 -0.15 9.62
CA PRO A 321 -12.82 -0.20 11.03
C PRO A 321 -13.78 -1.31 11.37
N GLY A 322 -13.73 -1.75 12.63
CA GLY A 322 -14.61 -2.81 13.11
C GLY A 322 -16.06 -2.40 13.03
N PHE A 323 -16.95 -3.38 13.03
CA PHE A 323 -18.37 -3.09 12.95
C PHE A 323 -19.17 -4.08 13.80
N THR A 324 -18.60 -4.45 14.94
CA THR A 324 -19.27 -5.37 15.85
C THR A 324 -20.17 -4.61 16.85
N ASN A 325 -20.90 -5.34 17.69
CA ASN A 325 -21.80 -4.74 18.66
C ASN A 325 -21.18 -3.88 19.75
N MET A 326 -19.86 -3.82 19.81
CA MET A 326 -19.19 -2.97 20.79
C MET A 326 -18.27 -2.00 20.05
N SER A 327 -18.37 -2.03 18.73
CA SER A 327 -17.58 -1.15 17.87
C SER A 327 -18.21 0.22 17.78
N LEU A 328 -17.37 1.23 17.88
CA LEU A 328 -17.82 2.61 17.81
C LEU A 328 -18.26 3.03 16.40
N PHE A 329 -17.64 2.47 15.37
CA PHE A 329 -17.99 2.79 13.98
C PHE A 329 -19.39 2.28 13.64
N LYS A 330 -19.97 1.48 14.53
CA LYS A 330 -21.32 0.97 14.31
C LYS A 330 -22.38 1.86 14.99
N ARG A 331 -21.92 2.75 15.86
CA ARG A 331 -22.82 3.62 16.60
C ARG A 331 -22.72 5.11 16.25
N LEU A 332 -21.48 5.60 16.17
CA LEU A 332 -21.21 7.01 15.90
C LEU A 332 -22.07 7.74 14.87
N TRP A 333 -22.23 7.16 13.68
CA TRP A 333 -22.98 7.82 12.62
C TRP A 333 -24.47 7.96 12.86
N ASP A 334 -24.98 7.31 13.91
CA ASP A 334 -26.39 7.42 14.28
C ASP A 334 -26.63 8.85 14.75
N TYR A 335 -25.60 9.48 15.29
CA TYR A 335 -25.68 10.85 15.79
C TYR A 335 -25.61 11.91 14.69
N SER A 336 -25.61 11.47 13.44
CA SER A 336 -25.60 12.37 12.30
C SER A 336 -26.74 12.00 11.36
N ASP A 337 -27.77 11.38 11.92
CA ASP A 337 -28.94 10.95 11.16
C ASP A 337 -28.61 9.93 10.08
N ILE A 338 -27.57 9.14 10.34
CA ILE A 338 -27.13 8.12 9.40
C ILE A 338 -27.04 6.79 10.12
N ASN A 339 -28.11 6.01 10.11
CA ASN A 339 -28.11 4.70 10.75
C ASN A 339 -27.32 3.69 9.91
N ASN A 340 -27.13 2.49 10.46
CA ASN A 340 -26.39 1.44 9.77
C ASN A 340 -26.79 1.26 8.31
N ALA A 341 -28.09 1.41 8.02
CA ALA A 341 -28.60 1.26 6.66
C ALA A 341 -28.08 2.35 5.71
N LYS A 342 -28.34 3.61 6.04
CA LYS A 342 -27.90 4.74 5.23
C LYS A 342 -26.37 4.76 5.14
N LEU A 343 -25.71 4.21 6.16
CA LEU A 343 -24.25 4.16 6.21
C LEU A 343 -23.68 3.38 5.03
N VAL A 344 -24.04 2.11 4.94
CA VAL A 344 -23.57 1.24 3.87
C VAL A 344 -24.09 1.63 2.48
N ASP A 345 -25.22 2.33 2.40
CA ASP A 345 -25.74 2.75 1.10
C ASP A 345 -24.83 3.86 0.59
N MET A 346 -24.44 4.76 1.49
CA MET A 346 -23.53 5.86 1.15
C MET A 346 -22.16 5.30 0.82
N LEU A 347 -21.70 4.32 1.60
CA LEU A 347 -20.39 3.71 1.36
C LEU A 347 -20.31 3.08 -0.01
N ILE A 348 -21.41 2.44 -0.43
CA ILE A 348 -21.49 1.79 -1.74
C ILE A 348 -21.55 2.81 -2.87
N ASP A 349 -22.30 3.90 -2.67
CA ASP A 349 -22.40 4.96 -3.68
C ASP A 349 -21.02 5.57 -3.85
N TYR A 350 -20.31 5.78 -2.75
CA TYR A 350 -18.96 6.35 -2.78
C TYR A 350 -18.03 5.47 -3.60
N GLY A 351 -18.15 4.15 -3.42
CA GLY A 351 -17.34 3.19 -4.14
C GLY A 351 -17.57 3.25 -5.65
N PHE A 352 -18.83 3.37 -6.05
CA PHE A 352 -19.21 3.46 -7.47
C PHE A 352 -18.79 4.80 -8.05
N GLU A 353 -18.99 5.85 -7.28
CA GLU A 353 -18.66 7.21 -7.69
C GLU A 353 -17.14 7.35 -7.93
N ASP A 354 -16.34 6.69 -7.12
CA ASP A 354 -14.91 6.76 -7.28
C ASP A 354 -14.41 5.93 -8.45
N PHE A 355 -15.10 4.81 -8.70
CA PHE A 355 -14.74 3.94 -9.83
C PHE A 355 -14.99 4.69 -11.13
N ALA A 356 -16.16 5.31 -11.21
CA ALA A 356 -16.55 6.10 -12.39
C ALA A 356 -15.56 7.23 -12.60
N GLN A 357 -15.33 8.00 -11.55
CA GLN A 357 -14.40 9.13 -11.60
C GLN A 357 -13.02 8.69 -12.07
N ASN A 358 -12.57 7.52 -11.61
CA ASN A 358 -11.27 6.96 -11.98
C ASN A 358 -11.13 6.69 -13.48
N LYS A 359 -12.22 6.25 -14.12
CA LYS A 359 -12.21 5.97 -15.55
C LYS A 359 -11.90 7.23 -16.34
N LYS A 360 -12.53 8.34 -15.96
CA LYS A 360 -12.37 9.62 -16.64
C LYS A 360 -10.94 10.16 -16.51
N LEU A 361 -10.40 10.03 -15.29
CA LEU A 361 -9.02 10.52 -15.04
C LEU A 361 -7.91 9.73 -15.79
N SER A 362 -8.19 9.20 -16.95
CA SER A 362 -7.19 8.46 -17.65
C SER A 362 -7.25 8.98 -19.09
N THR B 2 15.59 -24.84 -16.63
CA THR B 2 16.02 -26.27 -16.56
C THR B 2 15.21 -27.05 -15.51
N LYS B 3 14.63 -26.32 -14.55
CA LYS B 3 13.81 -26.93 -13.50
C LYS B 3 12.85 -25.88 -12.92
N LYS B 4 13.40 -24.85 -12.28
CA LYS B 4 12.60 -23.78 -11.69
C LYS B 4 11.93 -22.96 -12.80
N ARG B 5 10.63 -22.71 -12.69
CA ARG B 5 9.91 -21.96 -13.70
C ARG B 5 9.63 -20.49 -13.35
N VAL B 6 10.05 -19.60 -14.24
CA VAL B 6 9.86 -18.16 -14.09
C VAL B 6 8.74 -17.66 -14.98
N ALA B 7 7.79 -16.95 -14.40
CA ALA B 7 6.69 -16.38 -15.16
C ALA B 7 7.06 -14.91 -15.45
N LEU B 8 7.53 -14.67 -16.67
CA LEU B 8 7.94 -13.35 -17.13
C LEU B 8 6.70 -12.61 -17.64
N ILE B 9 6.28 -11.56 -16.94
CA ILE B 9 5.10 -10.76 -17.32
C ILE B 9 5.50 -9.41 -17.90
N PHE B 10 4.91 -9.05 -19.04
CA PHE B 10 5.20 -7.77 -19.68
C PHE B 10 3.92 -7.19 -20.28
N GLY B 11 4.04 -6.03 -20.92
CA GLY B 11 2.87 -5.39 -21.50
C GLY B 11 2.36 -4.26 -20.62
N GLY B 12 1.06 -4.27 -20.32
CA GLY B 12 0.47 -3.24 -19.48
C GLY B 12 -0.40 -2.22 -20.20
N ASN B 13 -1.43 -1.73 -19.51
CA ASN B 13 -2.36 -0.74 -20.07
C ASN B 13 -1.84 0.69 -19.96
N SER B 14 -0.59 0.90 -20.32
CA SER B 14 0.03 2.20 -20.23
C SER B 14 0.52 2.72 -21.59
N SER B 15 1.09 3.92 -21.57
CA SER B 15 1.64 4.56 -22.75
C SER B 15 3.00 3.94 -23.11
N GLU B 16 3.59 3.23 -22.15
CA GLU B 16 4.88 2.57 -22.33
C GLU B 16 4.71 1.08 -22.63
N HIS B 17 3.66 0.74 -23.38
CA HIS B 17 3.37 -0.63 -23.74
C HIS B 17 4.48 -1.23 -24.61
N ASP B 18 4.91 -0.49 -25.63
CA ASP B 18 5.97 -0.94 -26.53
C ASP B 18 7.35 -1.09 -25.88
N VAL B 19 7.73 -0.13 -25.05
CA VAL B 19 9.00 -0.19 -24.35
C VAL B 19 9.09 -1.48 -23.51
N SER B 20 7.95 -1.88 -22.95
CA SER B 20 7.85 -3.10 -22.13
C SER B 20 8.32 -4.35 -22.90
N LYS B 21 7.82 -4.52 -24.12
CA LYS B 21 8.17 -5.66 -24.97
C LYS B 21 9.68 -5.78 -25.16
N ARG B 22 10.33 -4.64 -25.37
CA ARG B 22 11.77 -4.58 -25.56
C ARG B 22 12.56 -4.96 -24.30
N SER B 23 12.08 -4.54 -23.13
CA SER B 23 12.73 -4.87 -21.87
C SER B 23 12.59 -6.36 -21.62
N ALA B 24 11.38 -6.87 -21.82
CA ALA B 24 11.07 -8.29 -21.64
C ALA B 24 12.02 -9.20 -22.43
N GLN B 25 12.34 -8.80 -23.65
CA GLN B 25 13.22 -9.58 -24.49
C GLN B 25 14.62 -9.71 -23.91
N ASN B 26 15.19 -8.59 -23.47
CA ASN B 26 16.54 -8.61 -22.90
C ASN B 26 16.61 -9.34 -21.55
N PHE B 27 15.49 -9.41 -20.84
CA PHE B 27 15.44 -10.12 -19.56
C PHE B 27 15.37 -11.61 -19.86
N TYR B 28 14.55 -11.96 -20.84
CA TYR B 28 14.37 -13.35 -21.29
C TYR B 28 15.70 -13.96 -21.66
N ASN B 29 16.45 -13.26 -22.51
CA ASN B 29 17.78 -13.69 -22.95
C ASN B 29 18.76 -13.85 -21.80
N ALA B 30 18.59 -13.01 -20.78
CA ALA B 30 19.44 -13.02 -19.60
C ALA B 30 19.12 -14.21 -18.72
N ILE B 31 17.84 -14.51 -18.58
CA ILE B 31 17.40 -15.64 -17.75
C ILE B 31 17.75 -16.95 -18.47
N GLU B 32 17.66 -16.91 -19.79
CA GLU B 32 17.98 -18.06 -20.64
C GLU B 32 19.48 -18.35 -20.59
N ALA B 33 20.27 -17.29 -20.61
CA ALA B 33 21.72 -17.40 -20.60
C ALA B 33 22.34 -17.99 -19.33
N THR B 34 21.54 -18.17 -18.28
CA THR B 34 22.07 -18.76 -17.05
C THR B 34 21.90 -20.28 -17.11
N GLY B 35 20.90 -20.72 -17.86
CA GLY B 35 20.64 -22.14 -17.99
C GLY B 35 20.06 -22.82 -16.76
N LYS B 36 19.54 -22.03 -15.82
CA LYS B 36 18.97 -22.57 -14.58
C LYS B 36 17.45 -22.64 -14.52
N TYR B 37 16.78 -21.75 -15.23
CA TYR B 37 15.32 -21.72 -15.17
C TYR B 37 14.62 -21.96 -16.49
N GLU B 38 13.31 -22.15 -16.41
CA GLU B 38 12.47 -22.35 -17.57
C GLU B 38 11.57 -21.12 -17.59
N ILE B 39 11.55 -20.41 -18.71
CA ILE B 39 10.74 -19.21 -18.83
C ILE B 39 9.40 -19.49 -19.47
N ILE B 40 8.37 -18.86 -18.90
CA ILE B 40 6.98 -18.97 -19.35
C ILE B 40 6.52 -17.50 -19.41
N VAL B 41 6.27 -16.99 -20.60
CA VAL B 41 5.88 -15.59 -20.75
C VAL B 41 4.38 -15.28 -20.85
N PHE B 42 3.99 -14.18 -20.21
CA PHE B 42 2.60 -13.71 -20.23
C PHE B 42 2.57 -12.25 -20.61
N ALA B 43 1.58 -11.87 -21.41
CA ALA B 43 1.43 -10.49 -21.81
C ALA B 43 0.08 -9.95 -21.34
N ILE B 44 0.05 -8.65 -21.05
CA ILE B 44 -1.16 -7.95 -20.62
C ILE B 44 -1.47 -6.93 -21.72
N ALA B 45 -2.61 -7.09 -22.36
CA ALA B 45 -2.98 -6.18 -23.43
C ALA B 45 -3.36 -4.82 -22.84
N GLN B 46 -3.40 -3.79 -23.70
CA GLN B 46 -3.75 -2.45 -23.26
C GLN B 46 -5.16 -2.34 -22.69
N ASN B 47 -5.95 -3.40 -22.84
CA ASN B 47 -7.31 -3.40 -22.31
C ASN B 47 -7.37 -4.04 -20.92
N GLY B 48 -6.20 -4.39 -20.37
CA GLY B 48 -6.14 -4.98 -19.06
C GLY B 48 -6.17 -6.50 -18.97
N PHE B 49 -6.53 -7.18 -20.05
CA PHE B 49 -6.61 -8.66 -20.08
C PHE B 49 -5.29 -9.40 -20.24
N PHE B 50 -5.13 -10.48 -19.47
CA PHE B 50 -3.94 -11.32 -19.54
C PHE B 50 -4.08 -12.24 -20.76
N LEU B 51 -2.99 -12.42 -21.50
CA LEU B 51 -3.02 -13.26 -22.69
C LEU B 51 -2.31 -14.61 -22.45
N ASP B 52 -2.77 -15.67 -23.13
CA ASP B 52 -2.18 -17.01 -23.01
C ASP B 52 -0.72 -17.00 -23.47
N THR B 53 0.05 -17.99 -23.03
CA THR B 53 1.47 -18.08 -23.39
C THR B 53 1.79 -18.07 -24.87
N GLU B 54 0.94 -18.70 -25.67
CA GLU B 54 1.15 -18.76 -27.12
C GLU B 54 1.01 -17.41 -27.79
N SER B 55 -0.03 -16.66 -27.43
CA SER B 55 -0.26 -15.35 -28.01
C SER B 55 0.86 -14.40 -27.58
N SER B 56 1.21 -14.46 -26.30
CA SER B 56 2.26 -13.59 -25.78
C SER B 56 3.66 -13.89 -26.33
N LYS B 57 3.94 -15.16 -26.67
CA LYS B 57 5.25 -15.56 -27.24
C LYS B 57 5.50 -14.78 -28.54
N LYS B 58 4.42 -14.58 -29.30
CA LYS B 58 4.44 -13.87 -30.57
C LYS B 58 4.61 -12.36 -30.37
N ILE B 59 3.86 -11.81 -29.43
CA ILE B 59 3.91 -10.39 -29.11
C ILE B 59 5.31 -10.01 -28.63
N LEU B 60 5.95 -10.94 -27.93
CA LEU B 60 7.30 -10.69 -27.42
C LEU B 60 8.27 -10.59 -28.60
N ALA B 61 7.99 -11.38 -29.64
CA ALA B 61 8.80 -11.40 -30.86
C ALA B 61 8.66 -10.14 -31.72
N LEU B 62 7.71 -9.28 -31.35
CA LEU B 62 7.41 -8.02 -32.03
C LEU B 62 6.48 -8.09 -33.24
N GLU B 63 5.69 -9.16 -33.31
CA GLU B 63 4.73 -9.31 -34.40
C GLU B 63 3.55 -8.39 -34.11
N ASP B 64 2.86 -7.93 -35.16
CA ASP B 64 1.72 -7.03 -35.02
C ASP B 64 0.81 -7.52 -33.90
N GLU B 65 0.69 -6.68 -32.88
CA GLU B 65 -0.07 -7.01 -31.69
C GLU B 65 -1.59 -7.07 -31.73
N GLN B 66 -2.24 -6.05 -32.28
CA GLN B 66 -3.70 -6.01 -32.30
C GLN B 66 -4.44 -7.26 -32.81
N PRO B 67 -4.02 -7.80 -33.96
CA PRO B 67 -4.68 -8.99 -34.51
C PRO B 67 -4.61 -10.15 -33.52
N ILE B 68 -3.49 -10.26 -32.82
CA ILE B 68 -3.27 -11.30 -31.84
C ILE B 68 -4.23 -11.11 -30.66
N VAL B 69 -4.42 -9.87 -30.24
CA VAL B 69 -5.31 -9.56 -29.13
C VAL B 69 -6.77 -9.84 -29.52
N ASP B 70 -7.20 -9.27 -30.64
CA ASP B 70 -8.55 -9.44 -31.15
C ASP B 70 -8.98 -10.90 -31.22
N ALA B 71 -8.10 -11.75 -31.72
CA ALA B 71 -8.36 -13.18 -31.83
C ALA B 71 -8.57 -13.82 -30.45
N PHE B 72 -7.79 -13.36 -29.48
CA PHE B 72 -7.89 -13.87 -28.12
C PHE B 72 -9.20 -13.46 -27.46
N MET B 73 -9.58 -12.19 -27.64
CA MET B 73 -10.81 -11.65 -27.05
C MET B 73 -12.08 -12.41 -27.43
N LYS B 74 -12.00 -13.22 -28.48
CA LYS B 74 -13.15 -13.98 -28.93
C LYS B 74 -13.31 -15.27 -28.13
N THR B 75 -12.26 -15.64 -27.38
CA THR B 75 -12.27 -16.85 -26.57
C THR B 75 -12.64 -16.56 -25.11
N VAL B 76 -12.72 -15.27 -24.77
CA VAL B 76 -13.03 -14.81 -23.41
C VAL B 76 -14.50 -14.94 -23.02
N ASP B 77 -14.73 -15.40 -21.78
CA ASP B 77 -16.09 -15.54 -21.24
C ASP B 77 -16.41 -14.30 -20.39
N ALA B 78 -17.27 -13.43 -20.92
CA ALA B 78 -17.64 -12.19 -20.23
C ALA B 78 -18.40 -12.36 -18.90
N SER B 79 -18.83 -13.59 -18.62
CA SER B 79 -19.58 -13.89 -17.41
C SER B 79 -18.70 -14.34 -16.25
N ASP B 80 -17.39 -14.40 -16.49
CA ASP B 80 -16.42 -14.81 -15.49
C ASP B 80 -15.74 -13.57 -14.91
N PRO B 81 -15.95 -13.30 -13.60
CA PRO B 81 -15.36 -12.15 -12.93
C PRO B 81 -13.83 -12.24 -12.83
N LEU B 82 -13.29 -13.41 -13.13
CA LEU B 82 -11.84 -13.64 -13.08
C LEU B 82 -11.23 -13.76 -14.49
N ALA B 83 -12.01 -13.41 -15.50
CA ALA B 83 -11.59 -13.49 -16.89
C ALA B 83 -10.32 -12.71 -17.23
N ARG B 84 -10.14 -11.53 -16.64
CA ARG B 84 -8.96 -10.71 -16.90
C ARG B 84 -7.64 -11.42 -16.54
N ILE B 85 -7.71 -12.37 -15.61
CA ILE B 85 -6.52 -13.08 -15.18
C ILE B 85 -6.60 -14.61 -15.41
N HIS B 86 -7.61 -15.07 -16.14
CA HIS B 86 -7.78 -16.51 -16.40
C HIS B 86 -6.57 -17.13 -17.14
N ALA B 87 -6.08 -16.44 -18.16
CA ALA B 87 -4.95 -16.91 -18.95
C ALA B 87 -3.69 -17.23 -18.15
N LEU B 88 -3.66 -16.87 -16.87
CA LEU B 88 -2.49 -17.14 -16.04
C LEU B 88 -2.31 -18.62 -15.73
N LYS B 89 -3.38 -19.41 -15.88
CA LYS B 89 -3.33 -20.84 -15.61
C LYS B 89 -3.19 -21.66 -16.91
N SER B 90 -3.31 -20.96 -18.04
CA SER B 90 -3.22 -21.58 -19.36
C SER B 90 -2.00 -22.47 -19.63
N ALA B 91 -0.94 -22.32 -18.84
CA ALA B 91 0.27 -23.12 -19.03
C ALA B 91 0.69 -23.86 -17.78
N GLY B 92 -0.22 -24.02 -16.83
CA GLY B 92 0.10 -24.71 -15.60
C GLY B 92 0.86 -23.90 -14.57
N ASP B 93 1.17 -24.57 -13.46
CA ASP B 93 1.88 -23.99 -12.31
C ASP B 93 3.35 -23.59 -12.62
N PHE B 94 3.79 -22.53 -11.94
CA PHE B 94 5.16 -21.99 -12.08
C PHE B 94 5.71 -21.65 -10.68
N ASP B 95 6.98 -21.26 -10.62
CA ASP B 95 7.61 -20.97 -9.34
C ASP B 95 7.73 -19.52 -8.87
N ILE B 96 7.96 -18.59 -9.79
CA ILE B 96 8.17 -17.20 -9.40
C ILE B 96 7.82 -16.20 -10.49
N PHE B 97 7.20 -15.09 -10.11
CA PHE B 97 6.85 -14.03 -11.06
C PHE B 97 8.04 -13.11 -11.27
N PHE B 98 8.26 -12.69 -12.52
CA PHE B 98 9.33 -11.74 -12.85
C PHE B 98 8.57 -10.66 -13.62
N PRO B 99 8.09 -9.64 -12.90
CA PRO B 99 7.34 -8.51 -13.45
C PRO B 99 8.17 -7.50 -14.23
N VAL B 100 7.71 -7.15 -15.43
CA VAL B 100 8.41 -6.18 -16.25
C VAL B 100 7.38 -5.37 -17.03
N VAL B 101 6.28 -5.06 -16.34
CA VAL B 101 5.18 -4.26 -16.88
C VAL B 101 5.41 -2.81 -16.52
N HIS B 102 5.82 -2.00 -17.50
CA HIS B 102 6.08 -0.58 -17.26
C HIS B 102 4.79 0.25 -17.21
N GLY B 103 4.60 1.01 -16.14
CA GLY B 103 3.41 1.84 -16.03
C GLY B 103 2.47 1.63 -14.86
N ASN B 104 1.18 1.81 -15.14
CA ASN B 104 0.11 1.72 -14.16
C ASN B 104 -0.33 0.35 -13.65
N LEU B 105 0.52 -0.66 -13.73
CA LEU B 105 0.17 -1.99 -13.21
C LEU B 105 1.32 -2.59 -12.44
N GLY B 106 2.53 -2.35 -12.94
CA GLY B 106 3.72 -2.89 -12.31
C GLY B 106 4.39 -1.95 -11.33
N GLU B 107 4.28 -0.64 -11.56
CA GLU B 107 4.90 0.34 -10.68
C GLU B 107 4.02 0.93 -9.56
N ASP B 108 2.71 0.73 -9.65
CA ASP B 108 1.81 1.26 -8.62
C ASP B 108 1.45 0.27 -7.50
N GLY B 109 1.90 -0.98 -7.62
CA GLY B 109 1.62 -1.95 -6.58
C GLY B 109 0.47 -2.91 -6.82
N THR B 110 -0.28 -2.74 -7.91
CA THR B 110 -1.43 -3.61 -8.22
C THR B 110 -1.07 -5.09 -8.42
N LEU B 111 -0.19 -5.35 -9.38
CA LEU B 111 0.25 -6.72 -9.68
C LEU B 111 0.77 -7.41 -8.43
N GLN B 112 1.55 -6.69 -7.63
CA GLN B 112 2.15 -7.21 -6.41
C GLN B 112 1.12 -7.69 -5.40
N GLY B 113 -0.08 -7.13 -5.47
CA GLY B 113 -1.14 -7.54 -4.57
C GLY B 113 -1.59 -8.93 -4.96
N LEU B 114 -1.78 -9.12 -6.27
CA LEU B 114 -2.17 -10.41 -6.85
C LEU B 114 -1.13 -11.50 -6.56
N PHE B 115 0.15 -11.16 -6.67
CA PHE B 115 1.24 -12.11 -6.40
C PHE B 115 1.20 -12.66 -4.96
N LYS B 116 0.90 -11.78 -3.98
CA LYS B 116 0.80 -12.19 -2.57
C LYS B 116 -0.42 -13.06 -2.32
N LEU B 117 -1.54 -12.72 -2.95
CA LEU B 117 -2.78 -13.48 -2.80
C LEU B 117 -2.62 -14.92 -3.31
N LEU B 118 -1.70 -15.12 -4.25
CA LEU B 118 -1.46 -16.44 -4.81
C LEU B 118 -0.30 -17.13 -4.09
N ASP B 119 0.20 -16.49 -3.03
CA ASP B 119 1.31 -16.99 -2.22
C ASP B 119 2.50 -17.49 -3.05
N LYS B 120 2.96 -16.66 -3.96
CA LYS B 120 4.06 -17.03 -4.84
C LYS B 120 5.15 -15.96 -4.81
N PRO B 121 6.44 -16.37 -4.89
CA PRO B 121 7.56 -15.43 -4.88
C PRO B 121 7.52 -14.51 -6.11
N TYR B 122 8.32 -13.45 -6.06
CA TYR B 122 8.39 -12.50 -7.16
C TYR B 122 9.64 -11.63 -7.04
N VAL B 123 10.00 -10.99 -8.15
CA VAL B 123 11.17 -10.11 -8.21
C VAL B 123 10.71 -8.67 -8.02
N GLY B 124 11.57 -7.84 -7.44
CA GLY B 124 11.20 -6.45 -7.26
C GLY B 124 10.64 -6.11 -5.88
N ALA B 125 10.24 -4.85 -5.73
CA ALA B 125 9.72 -4.30 -4.49
C ALA B 125 8.33 -4.79 -4.10
N PRO B 126 7.98 -4.69 -2.80
CA PRO B 126 6.67 -5.11 -2.27
C PRO B 126 5.62 -4.11 -2.77
N LEU B 127 4.33 -4.39 -2.60
CA LEU B 127 3.31 -3.45 -3.07
C LEU B 127 3.49 -2.07 -2.42
N ARG B 128 3.82 -2.04 -1.14
CA ARG B 128 4.10 -0.79 -0.43
C ARG B 128 5.57 -0.61 -0.73
N GLY B 129 5.90 0.44 -1.45
CA GLY B 129 7.28 0.63 -1.88
C GLY B 129 7.07 1.09 -3.30
N HIS B 130 6.25 0.33 -4.02
CA HIS B 130 5.85 0.65 -5.38
C HIS B 130 4.81 1.76 -5.23
N ALA B 131 3.88 1.54 -4.30
CA ALA B 131 2.81 2.50 -4.04
C ALA B 131 3.37 3.85 -3.62
N VAL B 132 4.33 3.86 -2.69
CA VAL B 132 4.93 5.11 -2.25
C VAL B 132 5.86 5.72 -3.30
N SER B 133 6.57 4.89 -4.06
CA SER B 133 7.49 5.38 -5.08
C SER B 133 6.77 5.92 -6.30
N PHE B 134 5.56 5.42 -6.53
CA PHE B 134 4.75 5.83 -7.67
C PHE B 134 4.05 7.17 -7.44
N ASP B 135 3.50 7.35 -6.24
CA ASP B 135 2.80 8.58 -5.87
C ASP B 135 3.82 9.69 -5.64
N LYS B 136 3.83 10.67 -6.54
CA LYS B 136 4.75 11.82 -6.52
C LYS B 136 4.84 12.57 -5.19
N ALA B 137 3.67 12.79 -4.58
CA ALA B 137 3.58 13.50 -3.32
C ALA B 137 4.11 12.64 -2.19
N LEU B 138 3.59 11.42 -2.12
CA LEU B 138 3.98 10.45 -1.08
C LEU B 138 5.50 10.26 -1.01
N THR B 139 6.15 10.24 -2.16
CA THR B 139 7.60 10.09 -2.24
C THR B 139 8.34 11.25 -1.58
N LYS B 140 7.96 12.49 -1.93
CA LYS B 140 8.62 13.68 -1.38
C LYS B 140 8.44 13.84 0.14
N GLU B 141 7.25 13.49 0.64
CA GLU B 141 6.98 13.58 2.06
C GLU B 141 7.88 12.66 2.89
N LEU B 142 8.03 11.40 2.46
CA LEU B 142 8.91 10.46 3.17
C LEU B 142 10.38 10.87 3.07
N LEU B 143 10.79 11.34 1.90
CA LEU B 143 12.19 11.74 1.73
C LEU B 143 12.52 12.97 2.57
N THR B 144 11.60 13.93 2.63
CA THR B 144 11.79 15.16 3.38
C THR B 144 11.86 14.96 4.88
N VAL B 145 10.92 14.20 5.43
CA VAL B 145 10.91 13.92 6.87
C VAL B 145 12.15 13.08 7.25
N ASN B 146 12.79 12.45 6.25
CA ASN B 146 13.98 11.65 6.50
C ASN B 146 15.32 12.34 6.21
N GLY B 147 15.28 13.61 5.88
CA GLY B 147 16.51 14.35 5.62
C GLY B 147 17.24 14.17 4.31
N ILE B 148 16.64 13.48 3.34
CA ILE B 148 17.27 13.27 2.04
C ILE B 148 16.88 14.47 1.15
N ARG B 149 17.88 15.23 0.72
CA ARG B 149 17.66 16.42 -0.10
C ARG B 149 16.91 16.28 -1.43
N ASN B 150 15.82 17.04 -1.55
CA ASN B 150 15.00 17.09 -2.75
C ASN B 150 14.34 18.47 -2.73
N THR B 151 13.80 18.92 -3.86
CA THR B 151 13.18 20.24 -3.94
C THR B 151 12.01 20.51 -3.02
N LYS B 152 11.78 21.79 -2.73
CA LYS B 152 10.69 22.26 -1.88
C LYS B 152 9.39 22.06 -2.69
N TYR B 153 8.29 21.71 -2.02
CA TYR B 153 7.02 21.46 -2.71
C TYR B 153 5.77 21.79 -1.89
N ILE B 154 4.61 21.72 -2.55
CA ILE B 154 3.29 21.95 -1.96
C ILE B 154 2.30 20.98 -2.60
N VAL B 155 1.45 20.38 -1.77
CA VAL B 155 0.44 19.42 -2.22
C VAL B 155 -0.95 20.02 -2.08
N VAL B 156 -1.67 20.09 -3.20
CA VAL B 156 -3.02 20.66 -3.22
C VAL B 156 -4.04 19.69 -3.84
N ASP B 157 -5.31 20.02 -3.63
CA ASP B 157 -6.42 19.25 -4.18
C ASP B 157 -7.40 20.28 -4.74
N PRO B 158 -8.52 19.82 -5.36
CA PRO B 158 -9.49 20.76 -5.94
C PRO B 158 -9.90 21.95 -5.06
N GLU B 159 -10.07 21.71 -3.76
CA GLU B 159 -10.46 22.75 -2.82
C GLU B 159 -9.29 23.55 -2.25
N SER B 160 -8.23 22.87 -1.82
CA SER B 160 -7.07 23.56 -1.25
C SER B 160 -6.34 24.42 -2.27
N ALA B 161 -6.30 23.97 -3.52
CA ALA B 161 -5.64 24.68 -4.61
C ALA B 161 -6.14 26.11 -4.71
N ASN B 162 -7.37 26.29 -4.25
CA ASN B 162 -8.07 27.58 -4.22
C ASN B 162 -7.40 28.59 -3.28
N ASN B 163 -6.71 28.09 -2.25
CA ASN B 163 -6.03 28.97 -1.28
C ASN B 163 -4.60 29.26 -1.73
N TRP B 164 -4.29 28.94 -2.98
CA TRP B 164 -2.94 29.15 -3.50
C TRP B 164 -2.87 29.94 -4.79
N SER B 165 -2.80 31.27 -4.64
CA SER B 165 -2.68 32.14 -5.80
C SER B 165 -1.22 32.06 -6.22
N TRP B 166 -0.94 32.45 -7.46
CA TRP B 166 0.43 32.41 -7.97
C TRP B 166 1.41 33.14 -7.05
N ASP B 167 1.01 34.32 -6.58
CA ASP B 167 1.85 35.13 -5.70
C ASP B 167 2.26 34.38 -4.42
N LYS B 168 1.35 33.59 -3.87
CA LYS B 168 1.64 32.80 -2.68
C LYS B 168 2.58 31.65 -3.02
N ILE B 169 2.43 31.09 -4.22
CA ILE B 169 3.26 29.98 -4.67
C ILE B 169 4.70 30.46 -4.82
N VAL B 170 4.86 31.67 -5.35
CA VAL B 170 6.17 32.28 -5.55
C VAL B 170 6.87 32.57 -4.23
N ALA B 171 6.08 32.95 -3.22
CA ALA B 171 6.63 33.23 -1.89
C ALA B 171 7.20 31.95 -1.25
N GLU B 172 6.62 30.82 -1.62
CA GLU B 172 7.01 29.51 -1.10
C GLU B 172 8.07 28.75 -1.92
N LEU B 173 7.81 28.62 -3.22
CA LEU B 173 8.67 27.87 -4.12
C LEU B 173 9.55 28.68 -5.07
N GLY B 174 9.10 29.87 -5.43
CA GLY B 174 9.86 30.68 -6.36
C GLY B 174 9.04 30.93 -7.62
N ASN B 175 9.60 31.67 -8.58
CA ASN B 175 8.91 32.00 -9.82
C ASN B 175 8.96 30.94 -10.93
N ILE B 176 9.67 29.84 -10.69
CA ILE B 176 9.75 28.75 -11.67
C ILE B 176 9.40 27.45 -10.95
N VAL B 177 8.22 26.91 -11.27
CA VAL B 177 7.76 25.66 -10.66
C VAL B 177 7.28 24.62 -11.68
N PHE B 178 7.04 23.41 -11.19
CA PHE B 178 6.53 22.30 -11.99
C PHE B 178 5.24 21.81 -11.33
N VAL B 179 4.14 21.83 -12.08
CA VAL B 179 2.86 21.35 -11.56
C VAL B 179 2.67 19.94 -12.11
N LYS B 180 2.09 19.05 -11.32
CA LYS B 180 1.86 17.68 -11.78
C LYS B 180 0.97 16.81 -10.94
N ALA B 181 0.25 15.92 -11.64
CA ALA B 181 -0.66 14.94 -11.04
C ALA B 181 0.20 14.01 -10.18
N ALA B 182 -0.28 13.70 -8.98
CA ALA B 182 0.46 12.83 -8.05
C ALA B 182 0.64 11.43 -8.61
N ASN B 183 -0.47 10.75 -8.87
CA ASN B 183 -0.43 9.40 -9.41
C ASN B 183 -0.74 9.43 -10.90
N GLN B 184 0.31 9.24 -11.68
CA GLN B 184 0.23 9.23 -13.14
C GLN B 184 1.66 9.03 -13.59
N GLY B 185 1.85 8.44 -14.77
CA GLY B 185 3.19 8.19 -15.24
C GLY B 185 3.61 8.68 -16.61
N SER B 186 4.92 8.90 -16.70
CA SER B 186 5.62 9.31 -17.92
C SER B 186 5.41 10.65 -18.61
N SER B 187 4.24 11.27 -18.53
CA SER B 187 4.06 12.51 -19.29
C SER B 187 3.00 13.53 -18.93
N VAL B 188 1.76 13.18 -19.25
CA VAL B 188 0.59 14.02 -19.04
C VAL B 188 0.35 14.51 -17.60
N GLY B 189 0.03 15.80 -17.48
CA GLY B 189 -0.20 16.38 -16.16
C GLY B 189 1.03 17.15 -15.69
N ILE B 190 2.09 17.13 -16.49
CA ILE B 190 3.34 17.82 -16.17
C ILE B 190 3.36 19.18 -16.88
N SER B 191 3.76 20.22 -16.16
CA SER B 191 3.82 21.57 -16.73
C SER B 191 4.93 22.43 -16.12
N ARG B 192 5.48 23.30 -16.96
CA ARG B 192 6.55 24.22 -16.60
C ARG B 192 5.91 25.60 -16.41
N VAL B 193 5.66 25.98 -15.16
CA VAL B 193 5.03 27.26 -14.85
C VAL B 193 5.99 28.37 -14.46
N THR B 194 5.82 29.53 -15.09
CA THR B 194 6.65 30.71 -14.84
C THR B 194 5.81 31.94 -14.51
N ASN B 195 4.51 31.88 -14.73
CA ASN B 195 3.60 32.98 -14.43
C ASN B 195 2.16 32.56 -14.15
N ALA B 196 1.41 33.45 -13.50
CA ALA B 196 0.01 33.23 -13.11
C ALA B 196 -0.93 32.63 -14.15
N GLU B 197 -0.69 32.98 -15.41
CA GLU B 197 -1.50 32.50 -16.53
C GLU B 197 -1.28 31.00 -16.72
N GLU B 198 -0.01 30.63 -16.82
CA GLU B 198 0.40 29.23 -17.01
C GLU B 198 0.02 28.34 -15.82
N TYR B 199 -0.02 28.95 -14.63
CA TYR B 199 -0.36 28.25 -13.40
C TYR B 199 -1.84 27.88 -13.32
N THR B 200 -2.71 28.84 -13.68
CA THR B 200 -4.16 28.61 -13.66
C THR B 200 -4.55 27.46 -14.59
N GLU B 201 -3.96 27.43 -15.78
CA GLU B 201 -4.25 26.38 -16.76
C GLU B 201 -3.52 25.08 -16.46
N ALA B 202 -2.39 25.16 -15.75
CA ALA B 202 -1.61 23.98 -15.38
C ALA B 202 -2.40 23.16 -14.37
N LEU B 203 -3.11 23.84 -13.47
CA LEU B 203 -3.91 23.17 -12.45
C LEU B 203 -5.09 22.45 -13.10
N SER B 204 -5.75 23.09 -14.06
CA SER B 204 -6.89 22.49 -14.76
C SER B 204 -6.48 21.22 -15.52
N ASP B 205 -5.27 21.26 -16.09
CA ASP B 205 -4.71 20.15 -16.84
C ASP B 205 -4.34 18.97 -15.94
N SER B 206 -3.56 19.24 -14.91
CA SER B 206 -3.13 18.20 -13.98
C SER B 206 -4.31 17.60 -13.22
N PHE B 207 -5.34 18.39 -12.98
CA PHE B 207 -6.52 17.90 -12.27
C PHE B 207 -7.42 16.98 -13.11
N GLN B 208 -6.92 16.55 -14.26
CA GLN B 208 -7.65 15.66 -15.14
C GLN B 208 -7.13 14.23 -14.98
N TYR B 209 -5.94 14.09 -14.40
CA TYR B 209 -5.32 12.78 -14.21
C TYR B 209 -5.23 12.35 -12.75
N ASP B 210 -5.67 13.20 -11.83
CA ASP B 210 -5.64 12.90 -10.40
C ASP B 210 -6.31 14.03 -9.63
N TYR B 211 -6.78 13.72 -8.43
CA TYR B 211 -7.42 14.70 -7.56
C TYR B 211 -6.42 15.24 -6.54
N LYS B 212 -5.15 14.95 -6.77
CA LYS B 212 -4.09 15.39 -5.88
C LYS B 212 -2.92 15.84 -6.73
N VAL B 213 -2.70 17.15 -6.74
CA VAL B 213 -1.62 17.75 -7.53
C VAL B 213 -0.47 18.17 -6.66
N LEU B 214 0.74 18.02 -7.21
CA LEU B 214 1.97 18.39 -6.53
C LEU B 214 2.61 19.56 -7.26
N ILE B 215 3.08 20.53 -6.49
CA ILE B 215 3.74 21.71 -7.05
C ILE B 215 5.11 21.79 -6.38
N GLU B 216 6.18 21.82 -7.18
CA GLU B 216 7.53 21.86 -6.64
C GLU B 216 8.42 22.84 -7.38
N GLU B 217 9.34 23.46 -6.66
CA GLU B 217 10.28 24.42 -7.25
C GLU B 217 11.19 23.68 -8.21
N ALA B 218 11.70 24.41 -9.19
CA ALA B 218 12.60 23.82 -10.18
C ALA B 218 14.07 24.04 -9.85
N VAL B 219 14.90 23.04 -10.14
CA VAL B 219 16.34 23.12 -9.91
C VAL B 219 16.95 23.77 -11.16
N ASN B 220 17.76 24.80 -10.95
CA ASN B 220 18.40 25.54 -12.03
C ASN B 220 19.34 24.72 -12.92
N GLY B 221 20.29 24.02 -12.28
CA GLY B 221 21.26 23.20 -12.98
C GLY B 221 20.77 22.16 -13.97
N ALA B 222 21.56 21.94 -15.01
CA ALA B 222 21.21 20.97 -16.05
C ALA B 222 22.15 19.77 -16.11
N ARG B 223 22.12 18.93 -15.08
CA ARG B 223 22.94 17.73 -15.04
C ARG B 223 22.21 16.58 -14.35
N GLU B 224 21.75 15.65 -15.18
CA GLU B 224 21.04 14.49 -14.73
C GLU B 224 21.99 13.39 -14.29
N LEU B 225 21.67 12.77 -13.16
CA LEU B 225 22.46 11.69 -12.60
C LEU B 225 21.48 10.54 -12.35
N GLU B 226 21.90 9.31 -12.65
CA GLU B 226 21.07 8.12 -12.42
C GLU B 226 21.93 7.01 -11.81
N VAL B 227 21.45 6.41 -10.73
CA VAL B 227 22.22 5.36 -10.06
C VAL B 227 21.32 4.17 -9.79
N GLY B 228 21.85 2.98 -9.98
CA GLY B 228 21.09 1.77 -9.73
C GLY B 228 21.39 1.23 -8.35
N VAL B 229 20.42 0.52 -7.79
CA VAL B 229 20.54 -0.11 -6.48
C VAL B 229 19.77 -1.42 -6.54
N ILE B 230 20.38 -2.48 -6.03
CA ILE B 230 19.75 -3.80 -6.04
C ILE B 230 20.04 -4.50 -4.72
N GLY B 231 19.12 -5.35 -4.28
CA GLY B 231 19.30 -6.07 -3.03
C GLY B 231 18.15 -5.94 -2.05
N ASN B 232 18.33 -6.56 -0.88
CA ASN B 232 17.33 -6.51 0.19
C ASN B 232 17.95 -5.87 1.46
N ASP B 233 18.27 -6.67 2.48
CA ASP B 233 18.87 -6.12 3.70
C ASP B 233 20.24 -5.47 3.45
N GLN B 234 21.00 -5.96 2.49
CA GLN B 234 22.32 -5.38 2.16
C GLN B 234 22.41 -4.94 0.69
N PRO B 235 21.87 -3.76 0.35
CA PRO B 235 21.87 -3.20 -0.99
C PRO B 235 23.23 -2.91 -1.63
N LEU B 236 23.28 -3.05 -2.95
CA LEU B 236 24.47 -2.78 -3.75
C LEU B 236 24.14 -1.53 -4.53
N VAL B 237 25.11 -0.64 -4.71
CA VAL B 237 24.85 0.57 -5.47
C VAL B 237 25.78 0.65 -6.68
N SER B 238 25.19 0.84 -7.85
CA SER B 238 25.98 0.91 -9.08
C SER B 238 26.80 2.19 -9.13
N GLU B 239 27.53 2.36 -10.23
CA GLU B 239 28.33 3.54 -10.45
C GLU B 239 27.34 4.59 -10.92
N ILE B 240 27.75 5.85 -10.97
CA ILE B 240 26.86 6.92 -11.40
C ILE B 240 26.98 7.21 -12.90
N GLY B 241 25.83 7.44 -13.54
CA GLY B 241 25.80 7.77 -14.95
C GLY B 241 25.36 9.22 -15.06
N ALA B 242 26.20 10.07 -15.67
CA ALA B 242 25.89 11.50 -15.82
C ALA B 242 25.61 11.91 -17.25
N HIS B 243 24.92 13.04 -17.40
CA HIS B 243 24.60 13.55 -18.73
C HIS B 243 25.64 14.48 -19.35
N THR B 244 26.20 14.04 -20.47
CA THR B 244 27.21 14.80 -21.21
C THR B 244 26.82 14.94 -22.69
N VAL B 267 20.55 11.37 -24.49
CA VAL B 267 20.70 9.93 -24.11
C VAL B 267 22.18 9.52 -24.10
N HIS B 268 23.06 10.52 -24.02
CA HIS B 268 24.52 10.33 -24.01
C HIS B 268 25.06 10.23 -22.58
N PHE B 269 24.92 9.05 -21.95
CA PHE B 269 25.40 8.86 -20.58
C PHE B 269 26.88 8.58 -20.41
N GLN B 270 27.47 9.25 -19.42
CA GLN B 270 28.88 9.12 -19.08
C GLN B 270 28.98 8.27 -17.81
N ILE B 271 29.81 7.22 -17.86
CA ILE B 271 29.99 6.32 -16.73
C ILE B 271 31.48 5.98 -16.64
N PRO B 272 32.08 6.14 -15.44
CA PRO B 272 31.46 6.62 -14.22
C PRO B 272 31.31 8.12 -14.31
N ALA B 273 30.30 8.67 -13.62
CA ALA B 273 30.08 10.12 -13.63
C ALA B 273 31.35 10.81 -13.14
N GLN B 274 31.74 11.88 -13.82
CA GLN B 274 32.95 12.61 -13.44
C GLN B 274 32.64 13.75 -12.48
N LEU B 275 32.46 13.38 -11.21
CA LEU B 275 32.15 14.32 -10.15
C LEU B 275 33.27 14.20 -9.15
N SER B 276 33.33 15.12 -8.20
CA SER B 276 34.36 15.09 -7.17
C SER B 276 34.14 13.87 -6.27
N PRO B 277 35.22 13.35 -5.65
CA PRO B 277 35.14 12.19 -4.76
C PRO B 277 34.04 12.35 -3.71
N GLU B 278 33.84 13.58 -3.25
CA GLU B 278 32.83 13.92 -2.26
C GLU B 278 31.41 13.84 -2.80
N VAL B 279 31.18 14.43 -3.97
CA VAL B 279 29.85 14.40 -4.59
C VAL B 279 29.43 12.97 -4.94
N THR B 280 30.40 12.16 -5.34
CA THR B 280 30.13 10.77 -5.69
C THR B 280 29.58 9.95 -4.51
N LYS B 281 30.30 9.98 -3.39
CA LYS B 281 29.87 9.25 -2.20
C LYS B 281 28.58 9.76 -1.58
N GLU B 282 28.28 11.04 -1.81
CA GLU B 282 27.06 11.66 -1.27
C GLU B 282 25.85 11.17 -2.07
N VAL B 283 26.00 11.17 -3.40
CA VAL B 283 24.94 10.72 -4.29
C VAL B 283 24.64 9.23 -4.11
N LYS B 284 25.69 8.43 -3.87
CA LYS B 284 25.47 7.00 -3.67
C LYS B 284 24.81 6.72 -2.34
N GLN B 285 25.13 7.53 -1.33
CA GLN B 285 24.52 7.36 0.00
C GLN B 285 23.06 7.74 -0.01
N MET B 286 22.71 8.80 -0.75
CA MET B 286 21.33 9.27 -0.88
C MET B 286 20.50 8.18 -1.56
N ALA B 287 21.07 7.54 -2.56
CA ALA B 287 20.38 6.47 -3.29
C ALA B 287 20.10 5.29 -2.36
N LEU B 288 21.07 4.99 -1.51
CA LEU B 288 20.95 3.90 -0.54
C LEU B 288 19.94 4.23 0.54
N ASP B 289 20.06 5.42 1.11
CA ASP B 289 19.15 5.88 2.17
C ASP B 289 17.71 5.98 1.66
N ALA B 290 17.55 6.42 0.42
CA ALA B 290 16.23 6.57 -0.21
C ALA B 290 15.52 5.23 -0.43
N TYR B 291 16.30 4.24 -0.88
CA TYR B 291 15.83 2.88 -1.14
C TYR B 291 15.18 2.29 0.11
N LYS B 292 15.82 2.49 1.26
CA LYS B 292 15.33 2.00 2.53
C LYS B 292 14.09 2.76 3.04
N VAL B 293 14.08 4.09 2.93
CA VAL B 293 12.93 4.83 3.44
C VAL B 293 11.72 4.66 2.53
N LEU B 294 11.96 4.32 1.28
CA LEU B 294 10.87 4.12 0.32
C LEU B 294 10.37 2.68 0.33
N ASN B 295 10.94 1.87 1.24
CA ASN B 295 10.59 0.45 1.43
C ASN B 295 10.76 -0.38 0.16
N LEU B 296 11.83 -0.11 -0.58
CA LEU B 296 12.13 -0.82 -1.83
C LEU B 296 12.91 -2.12 -1.65
N ARG B 297 12.80 -3.01 -2.62
CA ARG B 297 13.50 -4.30 -2.57
C ARG B 297 13.78 -4.80 -3.98
N GLY B 298 14.83 -5.61 -4.12
CA GLY B 298 15.20 -6.17 -5.42
C GLY B 298 15.99 -5.28 -6.37
N GLU B 299 15.28 -4.37 -7.04
CA GLU B 299 15.89 -3.45 -8.00
C GLU B 299 15.29 -2.04 -7.96
N ALA B 300 16.08 -1.05 -8.36
CA ALA B 300 15.65 0.34 -8.45
C ALA B 300 16.71 1.25 -9.09
N ARG B 301 16.24 2.34 -9.67
CA ARG B 301 17.11 3.34 -10.29
C ARG B 301 16.73 4.68 -9.66
N MET B 302 17.71 5.35 -9.07
CA MET B 302 17.52 6.63 -8.41
C MET B 302 18.02 7.77 -9.32
N ASP B 303 17.12 8.66 -9.72
CA ASP B 303 17.46 9.80 -10.58
C ASP B 303 17.65 11.12 -9.82
N PHE B 304 18.83 11.72 -9.97
CA PHE B 304 19.18 12.98 -9.31
C PHE B 304 19.25 14.18 -10.26
N LEU B 305 19.33 15.37 -9.67
CA LEU B 305 19.46 16.64 -10.38
C LEU B 305 20.58 17.36 -9.66
N LEU B 306 21.63 17.71 -10.38
CA LEU B 306 22.76 18.39 -9.78
C LEU B 306 22.70 19.84 -10.23
N ASP B 307 22.64 20.78 -9.27
CA ASP B 307 22.59 22.21 -9.61
C ASP B 307 23.98 22.81 -9.88
N GLU B 308 24.02 24.07 -10.30
CA GLU B 308 25.29 24.73 -10.61
C GLU B 308 26.36 24.72 -9.54
N ASN B 309 25.98 24.45 -8.29
CA ASN B 309 26.97 24.40 -7.21
C ASN B 309 27.22 22.99 -6.77
N ASN B 310 27.05 22.06 -7.70
CA ASN B 310 27.25 20.64 -7.44
C ASN B 310 26.50 20.12 -6.21
N VAL B 311 25.26 20.55 -6.04
CA VAL B 311 24.43 20.09 -4.93
C VAL B 311 23.40 19.14 -5.55
N PRO B 312 23.49 17.84 -5.20
CA PRO B 312 22.61 16.79 -5.69
C PRO B 312 21.25 16.69 -4.99
N TYR B 313 20.19 16.70 -5.81
CA TYR B 313 18.81 16.62 -5.34
C TYR B 313 18.13 15.35 -5.86
N LEU B 314 17.77 14.44 -4.96
CA LEU B 314 17.10 13.21 -5.38
C LEU B 314 15.76 13.52 -6.00
N GLY B 315 15.57 13.04 -7.23
CA GLY B 315 14.32 13.24 -7.94
C GLY B 315 13.41 12.04 -7.76
N GLU B 316 12.92 11.50 -8.86
CA GLU B 316 12.02 10.36 -8.78
C GLU B 316 12.69 8.99 -8.76
N PRO B 317 12.19 8.09 -7.91
CA PRO B 317 12.76 6.75 -7.84
C PRO B 317 12.02 5.90 -8.90
N ASN B 318 12.72 4.94 -9.49
CA ASN B 318 12.15 4.06 -10.53
C ASN B 318 12.15 2.61 -10.06
N THR B 319 10.98 2.06 -9.78
CA THR B 319 10.92 0.68 -9.29
C THR B 319 11.06 -0.43 -10.33
N LEU B 320 10.85 -0.09 -11.59
CA LEU B 320 11.00 -1.06 -12.68
C LEU B 320 11.63 -0.32 -13.85
N PRO B 321 12.98 -0.17 -13.85
CA PRO B 321 13.71 0.52 -14.92
C PRO B 321 13.67 -0.19 -16.27
N GLY B 322 13.89 0.56 -17.33
CA GLY B 322 13.88 -0.01 -18.66
C GLY B 322 15.13 -0.85 -18.89
N PHE B 323 14.99 -1.93 -19.66
CA PHE B 323 16.11 -2.82 -19.95
C PHE B 323 16.31 -2.97 -21.47
N THR B 324 15.86 -1.96 -22.22
CA THR B 324 15.98 -1.92 -23.69
C THR B 324 17.46 -1.79 -24.06
N ASN B 325 17.78 -1.86 -25.36
CA ASN B 325 19.15 -1.75 -25.81
C ASN B 325 19.77 -0.39 -25.51
N MET B 326 18.94 0.65 -25.51
CA MET B 326 19.40 2.01 -25.25
C MET B 326 19.22 2.57 -23.84
N SER B 327 18.59 1.81 -22.94
CA SER B 327 18.37 2.28 -21.57
C SER B 327 19.54 2.01 -20.60
N LEU B 328 19.78 2.98 -19.72
CA LEU B 328 20.88 2.93 -18.76
C LEU B 328 21.07 1.69 -17.87
N PHE B 329 19.98 1.14 -17.34
CA PHE B 329 20.03 -0.04 -16.48
C PHE B 329 20.51 -1.32 -17.22
N LYS B 330 20.52 -1.28 -18.55
CA LYS B 330 20.94 -2.41 -19.39
C LYS B 330 22.48 -2.57 -19.40
N ARG B 331 23.21 -1.52 -19.02
CA ARG B 331 24.67 -1.58 -19.00
C ARG B 331 25.33 -0.94 -17.76
N LEU B 332 24.53 -0.54 -16.78
CA LEU B 332 25.09 0.08 -15.58
C LEU B 332 25.93 -0.87 -14.76
N TRP B 333 25.42 -2.09 -14.61
CA TRP B 333 26.08 -3.12 -13.82
C TRP B 333 27.32 -3.75 -14.46
N ASP B 334 27.55 -3.46 -15.73
CA ASP B 334 28.73 -3.98 -16.42
C ASP B 334 29.95 -3.37 -15.73
N TYR B 335 29.82 -2.11 -15.31
CA TYR B 335 30.90 -1.40 -14.62
C TYR B 335 31.13 -1.87 -13.18
N SER B 336 30.41 -2.89 -12.76
CA SER B 336 30.57 -3.46 -11.43
C SER B 336 30.81 -4.96 -11.60
N ASP B 337 31.20 -5.34 -12.83
CA ASP B 337 31.45 -6.74 -13.21
C ASP B 337 30.23 -7.64 -13.09
N ILE B 338 29.04 -7.06 -13.24
CA ILE B 338 27.80 -7.82 -13.15
C ILE B 338 27.12 -7.80 -14.51
N ASN B 339 27.26 -8.87 -15.28
CA ASN B 339 26.62 -8.90 -16.59
C ASN B 339 25.13 -9.21 -16.50
N ASN B 340 24.43 -9.13 -17.62
CA ASN B 340 23.00 -9.37 -17.68
C ASN B 340 22.55 -10.68 -17.04
N ALA B 341 23.35 -11.73 -17.26
CA ALA B 341 23.04 -13.07 -16.74
C ALA B 341 23.16 -13.13 -15.23
N LYS B 342 24.25 -12.56 -14.70
CA LYS B 342 24.49 -12.51 -13.26
C LYS B 342 23.46 -11.58 -12.61
N LEU B 343 23.19 -10.44 -13.24
CA LEU B 343 22.22 -9.46 -12.75
C LEU B 343 20.84 -10.09 -12.56
N VAL B 344 20.28 -10.64 -13.62
CA VAL B 344 18.96 -11.27 -13.55
C VAL B 344 18.95 -12.47 -12.58
N ASP B 345 20.09 -13.14 -12.44
CA ASP B 345 20.15 -14.28 -11.52
C ASP B 345 20.14 -13.76 -10.08
N MET B 346 20.77 -12.62 -9.85
CA MET B 346 20.77 -12.02 -8.52
C MET B 346 19.37 -11.55 -8.16
N LEU B 347 18.66 -10.99 -9.13
CA LEU B 347 17.30 -10.49 -8.92
C LEU B 347 16.36 -11.62 -8.53
N ILE B 348 16.58 -12.79 -9.12
CA ILE B 348 15.74 -13.94 -8.83
C ILE B 348 16.07 -14.54 -7.45
N ASP B 349 17.34 -14.52 -7.07
CA ASP B 349 17.75 -15.03 -5.75
C ASP B 349 17.17 -14.15 -4.64
N TYR B 350 17.20 -12.83 -4.85
CA TYR B 350 16.67 -11.87 -3.88
C TYR B 350 15.16 -12.10 -3.71
N GLY B 351 14.48 -12.34 -4.82
CA GLY B 351 13.05 -12.59 -4.78
C GLY B 351 12.73 -13.82 -3.94
N PHE B 352 13.46 -14.91 -4.18
CA PHE B 352 13.25 -16.15 -3.44
C PHE B 352 13.57 -15.98 -1.97
N GLU B 353 14.64 -15.23 -1.68
CA GLU B 353 15.05 -14.98 -0.29
C GLU B 353 14.01 -14.23 0.54
N ASP B 354 13.44 -13.17 -0.02
CA ASP B 354 12.44 -12.36 0.67
C ASP B 354 11.17 -13.14 0.97
N PHE B 355 10.81 -14.05 0.06
CA PHE B 355 9.62 -14.88 0.26
C PHE B 355 9.87 -15.74 1.49
N ALA B 356 11.09 -16.25 1.59
CA ALA B 356 11.50 -17.11 2.71
C ALA B 356 11.47 -16.37 4.04
N GLN B 357 11.86 -15.10 4.01
CA GLN B 357 11.88 -14.28 5.22
C GLN B 357 10.45 -13.98 5.70
N ASN B 358 9.56 -13.70 4.76
CA ASN B 358 8.18 -13.40 5.11
C ASN B 358 7.41 -14.61 5.58
N LYS B 359 8.00 -15.78 5.38
CA LYS B 359 7.37 -17.03 5.78
C LYS B 359 7.49 -17.29 7.27
N LYS B 360 8.41 -16.58 7.93
CA LYS B 360 8.59 -16.73 9.37
C LYS B 360 7.57 -15.90 10.15
N LEU B 361 7.06 -14.85 9.52
CA LEU B 361 6.09 -13.97 10.15
C LEU B 361 4.78 -14.70 10.49
N SER B 362 4.33 -14.50 11.73
CA SER B 362 3.10 -15.11 12.24
C SER B 362 1.84 -14.27 12.00
N TYR B 363 0.71 -14.95 11.85
CA TYR B 363 -0.59 -14.30 11.67
C TYR B 363 -1.59 -15.00 12.59
N SER B 364 -1.09 -15.45 13.75
CA SER B 364 -1.91 -16.14 14.72
C SER B 364 -2.72 -15.20 15.59
N PHE B 365 -3.65 -15.78 16.36
CA PHE B 365 -4.52 -15.02 17.26
C PHE B 365 -5.27 -15.94 18.21
N VAL B 366 -5.71 -15.37 19.33
CA VAL B 366 -6.47 -16.10 20.34
C VAL B 366 -7.93 -16.20 19.84
N SER B 367 -8.41 -17.43 19.65
CA SER B 367 -9.76 -17.68 19.14
C SER B 367 -10.88 -17.10 19.99
N LEU B 368 -11.81 -16.41 19.33
CA LEU B 368 -12.93 -15.77 20.01
C LEU B 368 -14.21 -16.58 20.01
N GLY B 369 -15.21 -16.04 20.70
CA GLY B 369 -16.51 -16.68 20.80
C GLY B 369 -17.56 -15.73 21.30
N GLU B 370 -18.64 -16.27 21.86
CA GLU B 370 -19.74 -15.48 22.38
C GLU B 370 -19.26 -14.35 23.31
#